data_4WP3
#
_entry.id   4WP3
#
_cell.length_a   97.790
_cell.length_b   53.870
_cell.length_c   111.200
_cell.angle_alpha   90.00
_cell.angle_beta   94.77
_cell.angle_gamma   90.00
#
_symmetry.space_group_name_H-M   'P 1 21 1'
#
loop_
_entity.id
_entity.type
_entity.pdbx_description
1 polymer Ma1120
2 non-polymer 'CHLORIDE ION'
3 water water
#
_entity_poly.entity_id   1
_entity_poly.type   'polypeptide(L)'
_entity_poly.pdbx_seq_one_letter_code
;NTANLVRKEGFGAAVRSSIEELADWAEVERPDLARVTPDGRVVILFTDIEESTALNERIGDRAWVKLISSHDKLVSDLVR
RQSGHVVKSQGDGFMVAFARPEQAVRCGIELQRALRRNANRKRHEEIRVRIGIHMGRSVRRGDDLFGRNVAMAARVAAQA
AGGEILVSQPVRDALSRSDGIRFDDGREVELKGFSGTYRLFAVLASPDPG
;
_entity_poly.pdbx_strand_id   A,B,C,D,E,F
#
loop_
_chem_comp.id
_chem_comp.type
_chem_comp.name
_chem_comp.formula
CL non-polymer 'CHLORIDE ION' 'Cl -1'
#
# COMPACT_ATOMS: atom_id res chain seq x y z
N VAL A 15 -14.86 -11.53 -4.93
CA VAL A 15 -13.48 -11.34 -5.31
C VAL A 15 -12.58 -12.41 -4.74
N ARG A 16 -12.96 -13.67 -4.92
CA ARG A 16 -12.17 -14.78 -4.43
C ARG A 16 -10.92 -14.97 -5.28
N SER A 17 -9.80 -15.19 -4.61
CA SER A 17 -8.55 -15.51 -5.28
C SER A 17 -8.54 -16.96 -5.71
N SER A 18 -7.58 -17.31 -6.56
CA SER A 18 -7.41 -18.69 -6.99
C SER A 18 -6.99 -19.57 -5.81
N ILE A 19 -6.24 -19.00 -4.87
CA ILE A 19 -5.88 -19.73 -3.66
C ILE A 19 -7.13 -20.15 -2.91
N GLU A 20 -8.06 -19.20 -2.73
CA GLU A 20 -9.29 -19.48 -2.02
C GLU A 20 -10.15 -20.51 -2.73
N GLU A 21 -10.18 -20.44 -4.07
CA GLU A 21 -10.92 -21.39 -4.88
C GLU A 21 -10.36 -22.80 -4.68
N LEU A 22 -9.03 -22.91 -4.70
CA LEU A 22 -8.36 -24.20 -4.50
C LEU A 22 -8.54 -24.76 -3.08
N ALA A 23 -8.52 -23.88 -2.08
CA ALA A 23 -8.66 -24.31 -0.70
C ALA A 23 -10.06 -24.86 -0.46
N ASP A 24 -11.06 -24.19 -1.02
CA ASP A 24 -12.45 -24.63 -0.88
C ASP A 24 -12.64 -25.97 -1.58
N TRP A 25 -12.06 -26.11 -2.76
CA TRP A 25 -12.04 -27.37 -3.49
C TRP A 25 -11.39 -28.46 -2.64
N ALA A 26 -10.21 -28.18 -2.08
CA ALA A 26 -9.44 -29.19 -1.37
C ALA A 26 -10.14 -29.69 -0.11
N GLU A 27 -10.89 -28.81 0.56
CA GLU A 27 -11.65 -29.18 1.76
C GLU A 27 -12.67 -30.28 1.45
N VAL A 28 -13.23 -30.24 0.25
CA VAL A 28 -14.26 -31.20 -0.14
C VAL A 28 -13.65 -32.42 -0.84
N GLU A 29 -12.69 -32.18 -1.71
CA GLU A 29 -12.07 -33.26 -2.48
C GLU A 29 -11.34 -34.24 -1.57
N ARG A 30 -10.54 -33.70 -0.65
CA ARG A 30 -9.69 -34.51 0.20
C ARG A 30 -8.81 -35.43 -0.65
N PRO A 31 -7.95 -34.83 -1.48
CA PRO A 31 -7.07 -35.63 -2.34
C PRO A 31 -6.16 -36.53 -1.52
N ASP A 32 -5.93 -37.75 -1.99
CA ASP A 32 -5.06 -38.69 -1.30
C ASP A 32 -3.61 -38.33 -1.54
N LEU A 33 -2.92 -37.92 -0.48
CA LEU A 33 -1.51 -37.55 -0.57
C LEU A 33 -0.61 -38.66 -0.03
N ALA A 34 -1.09 -39.90 -0.15
CA ALA A 34 -0.34 -41.06 0.31
C ALA A 34 0.91 -41.29 -0.56
N ARG A 35 0.92 -40.70 -1.74
CA ARG A 35 2.05 -40.82 -2.67
C ARG A 35 3.00 -39.65 -2.55
N VAL A 36 2.97 -38.98 -1.40
CA VAL A 36 3.85 -37.84 -1.15
C VAL A 36 4.41 -37.89 0.27
N THR A 37 3.51 -38.02 1.25
CA THR A 37 3.88 -38.06 2.65
C THR A 37 4.93 -39.13 2.94
N VAL A 42 3.05 -33.69 6.50
CA VAL A 42 2.95 -33.15 5.15
C VAL A 42 2.97 -31.62 5.17
N VAL A 43 3.64 -31.04 4.18
CA VAL A 43 3.78 -29.59 4.08
C VAL A 43 2.98 -29.09 2.89
N ILE A 44 2.16 -28.07 3.11
CA ILE A 44 1.29 -27.52 2.08
C ILE A 44 1.75 -26.13 1.71
N LEU A 45 1.93 -25.92 0.40
CA LEU A 45 2.27 -24.62 -0.15
C LEU A 45 1.16 -24.14 -1.09
N PHE A 46 0.73 -22.90 -0.90
CA PHE A 46 -0.20 -22.26 -1.81
C PHE A 46 0.47 -21.06 -2.47
N THR A 47 0.22 -20.87 -3.76
CA THR A 47 0.72 -19.69 -4.45
C THR A 47 -0.26 -19.23 -5.52
N ASP A 48 -0.34 -17.91 -5.70
CA ASP A 48 -1.03 -17.35 -6.84
C ASP A 48 -0.36 -16.02 -7.22
N ILE A 49 -0.87 -15.39 -8.26
CA ILE A 49 -0.34 -14.12 -8.73
C ILE A 49 -1.05 -12.96 -8.05
N GLU A 50 -0.28 -12.05 -7.47
CA GLU A 50 -0.81 -10.85 -6.83
C GLU A 50 -1.66 -10.04 -7.82
N GLU A 51 -2.86 -9.66 -7.39
CA GLU A 51 -3.76 -8.83 -8.18
C GLU A 51 -4.02 -9.44 -9.56
N SER A 52 -4.23 -10.75 -9.57
CA SER A 52 -4.40 -11.50 -10.82
C SER A 52 -5.58 -11.00 -11.64
N THR A 53 -6.70 -10.70 -10.98
CA THR A 53 -7.90 -10.28 -11.68
C THR A 53 -7.67 -8.95 -12.39
N ALA A 54 -7.07 -8.00 -11.68
CA ALA A 54 -6.79 -6.69 -12.26
C ALA A 54 -5.82 -6.82 -13.41
N LEU A 55 -4.80 -7.67 -13.22
CA LEU A 55 -3.83 -7.95 -14.26
C LEU A 55 -4.51 -8.51 -15.51
N ASN A 56 -5.37 -9.50 -15.32
CA ASN A 56 -6.15 -10.10 -16.42
C ASN A 56 -6.98 -9.05 -17.17
N GLU A 57 -7.69 -8.22 -16.41
CA GLU A 57 -8.55 -7.20 -17.02
C GLU A 57 -7.70 -6.17 -17.75
N ARG A 58 -6.44 -6.05 -17.37
CA ARG A 58 -5.56 -5.06 -17.97
C ARG A 58 -4.98 -5.56 -19.30
N ILE A 59 -4.56 -6.82 -19.35
CA ILE A 59 -3.88 -7.34 -20.55
C ILE A 59 -4.81 -8.14 -21.48
N GLY A 60 -6.01 -8.47 -21.02
CA GLY A 60 -6.97 -9.20 -21.82
C GLY A 60 -6.75 -10.70 -21.79
N ASP A 61 -7.76 -11.45 -22.21
CA ASP A 61 -7.76 -12.91 -22.03
C ASP A 61 -6.70 -13.65 -22.85
N ARG A 62 -6.44 -13.21 -24.08
CA ARG A 62 -5.49 -13.93 -24.92
C ARG A 62 -4.07 -13.79 -24.39
N ALA A 63 -3.73 -12.61 -23.89
CA ALA A 63 -2.43 -12.41 -23.24
C ALA A 63 -2.35 -13.20 -21.95
N TRP A 64 -3.47 -13.23 -21.22
CA TRP A 64 -3.57 -13.94 -19.95
C TRP A 64 -3.31 -15.44 -20.13
N VAL A 65 -3.93 -16.04 -21.14
CA VAL A 65 -3.73 -17.45 -21.45
C VAL A 65 -2.25 -17.73 -21.72
N LYS A 66 -1.59 -16.84 -22.44
CA LYS A 66 -0.17 -17.00 -22.74
C LYS A 66 0.66 -16.89 -21.47
N LEU A 67 0.31 -15.90 -20.66
CA LEU A 67 1.05 -15.62 -19.42
C LEU A 67 0.92 -16.81 -18.47
N ILE A 68 -0.30 -17.33 -18.36
CA ILE A 68 -0.61 -18.42 -17.44
C ILE A 68 0.03 -19.73 -17.87
N SER A 69 0.06 -20.01 -19.17
CA SER A 69 0.69 -21.24 -19.65
C SER A 69 2.19 -21.19 -19.36
N SER A 70 2.79 -20.02 -19.55
CA SER A 70 4.20 -19.83 -19.28
C SER A 70 4.49 -19.97 -17.78
N HIS A 71 3.68 -19.30 -16.97
CA HIS A 71 3.80 -19.35 -15.52
C HIS A 71 3.65 -20.78 -15.01
N ASP A 72 2.66 -21.50 -15.55
CA ASP A 72 2.41 -22.88 -15.17
C ASP A 72 3.63 -23.75 -15.42
N LYS A 73 4.28 -23.54 -16.56
CA LYS A 73 5.49 -24.28 -16.90
C LYS A 73 6.59 -24.01 -15.89
N LEU A 74 6.78 -22.73 -15.55
CA LEU A 74 7.79 -22.34 -14.59
C LEU A 74 7.53 -23.01 -13.24
N VAL A 75 6.36 -22.74 -12.67
CA VAL A 75 6.00 -23.26 -11.36
C VAL A 75 6.10 -24.78 -11.29
N SER A 76 5.51 -25.48 -12.26
CA SER A 76 5.48 -26.95 -12.22
C SER A 76 6.88 -27.54 -12.26
N ASP A 77 7.75 -26.95 -13.07
CA ASP A 77 9.13 -27.43 -13.17
C ASP A 77 9.91 -27.22 -11.88
N LEU A 78 9.77 -26.06 -11.26
CA LEU A 78 10.47 -25.78 -10.00
C LEU A 78 9.93 -26.65 -8.87
N VAL A 79 8.61 -26.83 -8.80
CA VAL A 79 8.02 -27.71 -7.81
C VAL A 79 8.58 -29.12 -7.91
N ARG A 80 8.60 -29.65 -9.14
CA ARG A 80 9.07 -31.02 -9.35
C ARG A 80 10.55 -31.15 -9.04
N ARG A 81 11.31 -30.08 -9.29
CA ARG A 81 12.74 -30.09 -9.00
C ARG A 81 12.99 -30.18 -7.50
N GLN A 82 12.03 -29.73 -6.70
CA GLN A 82 12.13 -29.79 -5.24
C GLN A 82 11.29 -30.93 -4.66
N SER A 83 11.03 -31.95 -5.47
CA SER A 83 10.27 -33.12 -5.02
C SER A 83 8.86 -32.77 -4.55
N GLY A 84 8.31 -31.68 -5.07
CA GLY A 84 6.96 -31.28 -4.74
C GLY A 84 5.95 -31.94 -5.65
N HIS A 85 4.69 -31.91 -5.24
N HIS A 85 4.68 -31.92 -5.23
CA HIS A 85 3.58 -32.44 -6.03
CA HIS A 85 3.57 -32.45 -6.01
C HIS A 85 2.46 -31.41 -6.13
C HIS A 85 2.47 -31.39 -6.13
N VAL A 86 2.20 -30.92 -7.34
CA VAL A 86 1.14 -29.94 -7.51
C VAL A 86 -0.15 -30.74 -7.42
N VAL A 87 -0.90 -30.46 -6.36
CA VAL A 87 -2.13 -31.20 -6.06
C VAL A 87 -3.21 -30.79 -7.03
N LYS A 88 -3.27 -29.49 -7.29
CA LYS A 88 -4.27 -28.92 -8.16
C LYS A 88 -3.86 -27.51 -8.50
N SER A 89 -4.16 -27.08 -9.73
CA SER A 89 -3.92 -25.71 -10.12
C SER A 89 -5.22 -25.12 -10.67
N GLN A 90 -5.36 -23.81 -10.49
CA GLN A 90 -6.51 -23.08 -10.97
C GLN A 90 -5.99 -21.77 -11.58
N GLY A 91 -5.69 -21.82 -12.87
CA GLY A 91 -5.09 -20.69 -13.55
C GLY A 91 -3.76 -20.31 -12.93
N ASP A 92 -3.74 -19.19 -12.20
CA ASP A 92 -2.52 -18.69 -11.61
C ASP A 92 -2.24 -19.33 -10.25
N GLY A 93 -3.27 -19.98 -9.72
CA GLY A 93 -3.19 -20.56 -8.40
C GLY A 93 -2.71 -22.00 -8.40
N PHE A 94 -1.86 -22.33 -7.44
CA PHE A 94 -1.38 -23.70 -7.26
C PHE A 94 -1.45 -24.12 -5.80
N MET A 95 -1.88 -25.35 -5.60
CA MET A 95 -1.75 -26.03 -4.31
C MET A 95 -0.70 -27.12 -4.45
N VAL A 96 0.31 -27.09 -3.59
CA VAL A 96 1.45 -27.99 -3.73
C VAL A 96 1.74 -28.71 -2.41
N ALA A 97 2.14 -29.98 -2.50
CA ALA A 97 2.46 -30.77 -1.32
C ALA A 97 3.92 -31.21 -1.34
N PHE A 98 4.55 -31.16 -0.17
CA PHE A 98 5.94 -31.55 0.01
C PHE A 98 6.03 -32.49 1.21
N ALA A 99 7.01 -33.39 1.19
CA ALA A 99 7.24 -34.27 2.33
C ALA A 99 7.95 -33.52 3.46
N ARG A 100 8.78 -32.56 3.10
CA ARG A 100 9.61 -31.85 4.08
C ARG A 100 9.62 -30.35 3.85
N PRO A 101 9.60 -29.56 4.94
CA PRO A 101 9.51 -28.09 4.88
C PRO A 101 10.69 -27.44 4.18
N GLU A 102 11.85 -28.10 4.19
CA GLU A 102 13.04 -27.57 3.53
C GLU A 102 12.80 -27.41 2.04
N GLN A 103 12.23 -28.46 1.45
CA GLN A 103 11.95 -28.46 0.01
C GLN A 103 10.93 -27.40 -0.36
N ALA A 104 9.88 -27.29 0.45
CA ALA A 104 8.82 -26.32 0.20
C ALA A 104 9.37 -24.89 0.19
N VAL A 105 10.20 -24.55 1.17
CA VAL A 105 10.74 -23.20 1.27
C VAL A 105 11.77 -22.93 0.18
N ARG A 106 12.62 -23.91 -0.10
CA ARG A 106 13.60 -23.77 -1.18
C ARG A 106 12.87 -23.56 -2.51
N CYS A 107 11.78 -24.29 -2.71
CA CYS A 107 10.95 -24.11 -3.90
C CYS A 107 10.45 -22.68 -4.01
N GLY A 108 9.92 -22.17 -2.91
CA GLY A 108 9.45 -20.79 -2.87
C GLY A 108 10.55 -19.80 -3.18
N ILE A 109 11.72 -19.99 -2.57
CA ILE A 109 12.87 -19.13 -2.82
C ILE A 109 13.23 -19.13 -4.30
N GLU A 110 13.26 -20.31 -4.90
CA GLU A 110 13.62 -20.45 -6.30
C GLU A 110 12.59 -19.80 -7.22
N LEU A 111 11.32 -19.90 -6.86
CA LEU A 111 10.26 -19.31 -7.68
C LEU A 111 10.35 -17.79 -7.64
N GLN A 112 10.54 -17.22 -6.45
CA GLN A 112 10.61 -15.77 -6.31
C GLN A 112 11.82 -15.21 -7.08
N ARG A 113 12.93 -15.94 -7.02
CA ARG A 113 14.13 -15.55 -7.75
C ARG A 113 13.90 -15.54 -9.26
N ALA A 114 13.28 -16.60 -9.77
CA ALA A 114 13.02 -16.74 -11.21
C ALA A 114 12.13 -15.60 -11.70
N LEU A 115 11.15 -15.24 -10.88
CA LEU A 115 10.20 -14.18 -11.22
C LEU A 115 10.88 -12.81 -11.24
N ARG A 116 11.80 -12.58 -10.32
CA ARG A 116 12.58 -11.36 -10.32
C ARG A 116 13.50 -11.33 -11.54
N ARG A 117 14.00 -12.50 -11.92
CA ARG A 117 14.86 -12.62 -13.08
C ARG A 117 14.05 -12.43 -14.37
N GLU A 126 5.11 -6.54 -14.57
CA GLU A 126 5.92 -7.35 -13.66
C GLU A 126 5.05 -8.26 -12.80
N ILE A 127 5.12 -9.55 -13.04
CA ILE A 127 4.34 -10.54 -12.31
C ILE A 127 4.99 -10.84 -10.95
N ARG A 128 4.19 -10.74 -9.90
CA ARG A 128 4.62 -11.12 -8.55
C ARG A 128 3.66 -12.15 -7.97
N VAL A 129 4.18 -13.14 -7.25
CA VAL A 129 3.34 -14.17 -6.66
C VAL A 129 3.37 -14.12 -5.13
N ARG A 130 2.21 -14.42 -4.54
CA ARG A 130 2.12 -14.68 -3.11
C ARG A 130 2.50 -16.13 -2.89
N ILE A 131 3.25 -16.42 -1.82
CA ILE A 131 3.52 -17.81 -1.43
C ILE A 131 3.36 -17.96 0.07
N GLY A 132 2.52 -18.93 0.45
CA GLY A 132 2.33 -19.29 1.86
C GLY A 132 2.63 -20.76 2.07
N ILE A 133 3.23 -21.07 3.21
CA ILE A 133 3.62 -22.45 3.53
C ILE A 133 3.24 -22.79 4.98
N HIS A 134 2.64 -23.96 5.18
CA HIS A 134 2.25 -24.41 6.51
C HIS A 134 2.38 -25.93 6.66
N MET A 135 2.62 -26.37 7.89
CA MET A 135 2.58 -27.78 8.25
C MET A 135 2.03 -27.89 9.67
N GLY A 136 1.33 -28.96 9.99
CA GLY A 136 0.70 -29.09 11.29
C GLY A 136 0.51 -30.51 11.77
N ARG A 137 0.38 -30.66 13.09
CA ARG A 137 0.20 -31.96 13.72
C ARG A 137 -1.16 -32.03 14.42
N SER A 138 -1.61 -33.25 14.71
CA SER A 138 -2.86 -33.45 15.41
C SER A 138 -2.67 -33.11 16.89
N VAL A 139 -3.73 -32.57 17.50
CA VAL A 139 -3.72 -32.22 18.92
C VAL A 139 -4.80 -32.98 19.68
N ARG A 140 -5.63 -33.71 18.94
CA ARG A 140 -6.68 -34.53 19.55
C ARG A 140 -7.13 -35.65 18.60
N ASP A 143 -8.73 -35.93 15.39
CA ASP A 143 -9.40 -34.76 14.85
C ASP A 143 -9.15 -34.68 13.33
N ASP A 144 -9.61 -33.59 12.71
CA ASP A 144 -9.53 -33.44 11.25
C ASP A 144 -8.28 -32.67 10.82
N LEU A 145 -7.14 -33.34 10.85
CA LEU A 145 -5.87 -32.66 10.66
C LEU A 145 -5.74 -32.06 9.26
N PHE A 146 -6.16 -32.80 8.24
CA PHE A 146 -6.03 -32.34 6.86
C PHE A 146 -6.85 -31.07 6.61
N GLY A 147 -8.10 -31.07 7.05
CA GLY A 147 -8.98 -29.92 6.87
C GLY A 147 -8.37 -28.65 7.43
N ARG A 148 -7.86 -28.74 8.64
CA ARG A 148 -7.27 -27.58 9.30
C ARG A 148 -6.00 -27.10 8.59
N ASN A 149 -5.12 -28.02 8.24
CA ASN A 149 -3.82 -27.64 7.69
C ASN A 149 -3.91 -27.02 6.31
N VAL A 150 -4.80 -27.54 5.48
CA VAL A 150 -4.98 -26.96 4.15
C VAL A 150 -5.58 -25.58 4.29
N ALA A 151 -6.60 -25.44 5.12
CA ALA A 151 -7.25 -24.15 5.32
C ALA A 151 -6.24 -23.14 5.86
N MET A 152 -5.40 -23.59 6.79
CA MET A 152 -4.38 -22.73 7.39
C MET A 152 -3.37 -22.26 6.36
N ALA A 153 -2.87 -23.20 5.57
CA ALA A 153 -1.89 -22.90 4.53
C ALA A 153 -2.43 -21.85 3.56
N ALA A 154 -3.70 -21.98 3.18
CA ALA A 154 -4.34 -21.02 2.29
C ALA A 154 -4.39 -19.62 2.91
N ARG A 155 -4.67 -19.54 4.21
CA ARG A 155 -4.76 -18.24 4.87
C ARG A 155 -3.39 -17.61 5.01
N VAL A 156 -2.37 -18.43 5.29
CA VAL A 156 -1.00 -17.93 5.34
C VAL A 156 -0.63 -17.30 3.99
N ALA A 157 -0.89 -18.03 2.91
CA ALA A 157 -0.62 -17.51 1.56
C ALA A 157 -1.42 -16.24 1.29
N ALA A 158 -2.66 -16.21 1.77
CA ALA A 158 -3.51 -15.02 1.59
C ALA A 158 -2.93 -13.81 2.32
N GLN A 159 -2.14 -14.07 3.36
CA GLN A 159 -1.52 -12.99 4.13
C GLN A 159 -0.23 -12.48 3.49
N ALA A 160 0.33 -13.26 2.57
CA ALA A 160 1.60 -12.91 1.97
C ALA A 160 1.43 -11.82 0.92
N ALA A 161 2.35 -10.87 0.91
CA ALA A 161 2.41 -9.89 -0.17
C ALA A 161 2.96 -10.55 -1.42
N GLY A 162 2.70 -9.95 -2.57
CA GLY A 162 3.37 -10.35 -3.79
C GLY A 162 4.87 -10.26 -3.59
N GLY A 163 5.59 -11.29 -4.01
CA GLY A 163 7.04 -11.30 -3.90
C GLY A 163 7.53 -11.79 -2.55
N GLU A 164 6.60 -12.17 -1.68
CA GLU A 164 6.92 -12.61 -0.33
C GLU A 164 6.67 -14.10 -0.14
N ILE A 165 7.49 -14.74 0.69
CA ILE A 165 7.24 -16.10 1.16
C ILE A 165 6.94 -16.04 2.65
N LEU A 166 5.72 -16.38 3.02
CA LEU A 166 5.28 -16.39 4.41
C LEU A 166 5.10 -17.83 4.88
N VAL A 167 5.59 -18.15 6.09
CA VAL A 167 5.43 -19.47 6.66
C VAL A 167 4.87 -19.37 8.08
N SER A 168 4.20 -20.44 8.51
CA SER A 168 3.64 -20.51 9.85
C SER A 168 4.74 -20.82 10.88
N GLN A 169 4.39 -20.72 12.16
CA GLN A 169 5.34 -20.96 13.25
C GLN A 169 5.97 -22.37 13.19
N PRO A 170 5.14 -23.41 12.94
CA PRO A 170 5.72 -24.76 12.88
C PRO A 170 6.78 -24.93 11.79
N VAL A 171 6.58 -24.31 10.64
CA VAL A 171 7.57 -24.35 9.56
C VAL A 171 8.83 -23.58 9.96
N ARG A 172 8.64 -22.39 10.50
CA ARG A 172 9.75 -21.59 11.00
C ARG A 172 10.58 -22.35 12.05
N ASP A 173 9.92 -22.99 13.01
CA ASP A 173 10.63 -23.72 14.05
C ASP A 173 11.33 -24.95 13.48
N ALA A 174 10.71 -25.57 12.48
CA ALA A 174 11.27 -26.77 11.86
C ALA A 174 12.53 -26.48 11.07
N LEU A 175 12.73 -25.21 10.69
CA LEU A 175 13.89 -24.80 9.91
C LEU A 175 14.82 -23.88 10.69
N SER A 176 14.67 -23.86 12.01
CA SER A 176 15.48 -22.99 12.87
C SER A 176 16.83 -23.60 13.19
N SER A 178 18.91 -25.49 10.88
CA SER A 178 19.97 -25.46 9.88
C SER A 178 19.61 -24.53 8.72
N ASP A 179 20.55 -23.65 8.37
CA ASP A 179 20.35 -22.73 7.26
C ASP A 179 20.80 -23.35 5.94
N GLY A 180 21.11 -22.52 4.94
CA GLY A 180 21.07 -21.07 5.06
C GLY A 180 19.72 -20.47 4.68
N ILE A 181 18.74 -20.64 5.56
CA ILE A 181 17.42 -20.04 5.38
C ILE A 181 17.16 -19.10 6.56
N ARG A 182 16.89 -17.84 6.25
CA ARG A 182 16.72 -16.81 7.28
C ARG A 182 15.29 -16.28 7.29
N PHE A 183 14.82 -15.86 8.46
CA PHE A 183 13.47 -15.34 8.62
C PHE A 183 13.47 -13.97 9.30
N ASP A 184 12.40 -13.21 9.10
CA ASP A 184 12.21 -11.95 9.84
C ASP A 184 11.72 -12.28 11.25
N ASP A 185 11.30 -11.27 11.99
CA ASP A 185 10.93 -11.45 13.40
C ASP A 185 9.49 -11.93 13.56
N GLY A 186 8.81 -12.14 12.45
CA GLY A 186 7.43 -12.61 12.48
C GLY A 186 6.44 -11.49 12.75
N ARG A 187 5.20 -11.72 12.36
CA ARG A 187 4.13 -10.75 12.57
C ARG A 187 2.88 -11.47 13.07
N GLU A 188 2.27 -10.92 14.11
CA GLU A 188 1.05 -11.52 14.66
C GLU A 188 -0.14 -11.07 13.85
N VAL A 189 -0.95 -12.05 13.40
CA VAL A 189 -2.14 -11.77 12.63
C VAL A 189 -3.28 -12.68 13.04
N GLU A 190 -4.51 -12.25 12.76
CA GLU A 190 -5.69 -13.08 12.92
C GLU A 190 -6.10 -13.60 11.54
N LEU A 191 -6.24 -14.92 11.45
CA LEU A 191 -6.64 -15.55 10.20
C LEU A 191 -8.14 -15.77 10.16
N LYS A 192 -8.73 -15.51 8.99
CA LYS A 192 -10.18 -15.64 8.82
C LYS A 192 -10.66 -17.04 9.17
N GLY A 193 -11.66 -17.11 10.05
CA GLY A 193 -12.27 -18.37 10.42
C GLY A 193 -11.50 -19.17 11.45
N PHE A 194 -10.38 -18.62 11.91
CA PHE A 194 -9.52 -19.28 12.89
C PHE A 194 -9.50 -18.54 14.21
N SER A 195 -9.64 -19.28 15.32
CA SER A 195 -9.57 -18.69 16.64
C SER A 195 -8.11 -18.42 17.03
N GLY A 196 -7.91 -17.45 17.90
CA GLY A 196 -6.57 -17.11 18.38
C GLY A 196 -5.82 -16.22 17.41
N THR A 197 -4.54 -16.03 17.68
CA THR A 197 -3.65 -15.30 16.78
C THR A 197 -2.52 -16.21 16.34
N TYR A 198 -1.90 -15.86 15.22
CA TYR A 198 -0.84 -16.66 14.64
C TYR A 198 0.33 -15.79 14.23
N ARG A 199 1.54 -16.26 14.51
CA ARG A 199 2.76 -15.56 14.13
C ARG A 199 3.27 -16.10 12.81
N LEU A 200 3.41 -15.22 11.82
CA LEU A 200 3.84 -15.60 10.47
C LEU A 200 5.18 -14.96 10.14
N PHE A 201 6.08 -15.77 9.58
CA PHE A 201 7.44 -15.33 9.30
C PHE A 201 7.70 -15.26 7.81
N ALA A 202 8.32 -14.17 7.38
CA ALA A 202 8.72 -14.05 5.98
C ALA A 202 10.13 -14.60 5.80
N VAL A 203 10.36 -15.27 4.68
CA VAL A 203 11.69 -15.72 4.31
C VAL A 203 12.46 -14.53 3.75
N LEU A 204 13.72 -14.39 4.13
CA LEU A 204 14.53 -13.27 3.68
C LEU A 204 15.54 -13.73 2.64
N ALA A 205 16.26 -12.77 2.06
CA ALA A 205 17.22 -13.04 0.98
C ALA A 205 18.20 -14.15 1.35
N ARG B 16 -36.49 26.58 15.25
CA ARG B 16 -35.47 26.27 16.25
C ARG B 16 -34.28 25.53 15.62
N SER B 17 -33.08 25.78 16.16
CA SER B 17 -31.85 25.27 15.57
C SER B 17 -31.75 23.75 15.61
N SER B 18 -30.75 23.21 14.92
CA SER B 18 -30.57 21.76 14.87
C SER B 18 -29.95 21.24 16.18
N ILE B 19 -29.15 22.07 16.86
CA ILE B 19 -28.63 21.71 18.17
C ILE B 19 -29.79 21.54 19.16
N GLU B 20 -30.75 22.46 19.12
CA GLU B 20 -31.91 22.40 20.02
C GLU B 20 -32.74 21.14 19.77
N GLU B 21 -32.88 20.76 18.50
CA GLU B 21 -33.58 19.55 18.14
C GLU B 21 -32.84 18.34 18.70
N LEU B 22 -31.52 18.32 18.53
CA LEU B 22 -30.69 17.23 19.03
C LEU B 22 -30.74 17.15 20.55
N ALA B 23 -30.76 18.31 21.21
CA ALA B 23 -30.82 18.35 22.67
C ALA B 23 -32.09 17.70 23.20
N ASP B 24 -33.23 18.04 22.60
CA ASP B 24 -34.49 17.45 23.03
C ASP B 24 -34.51 15.96 22.75
N TRP B 25 -33.95 15.59 21.60
CA TRP B 25 -33.83 14.19 21.26
C TRP B 25 -33.01 13.47 22.32
N ALA B 26 -31.86 14.04 22.66
CA ALA B 26 -30.96 13.41 23.62
C ALA B 26 -31.60 13.33 24.99
N GLU B 27 -32.37 14.36 25.34
CA GLU B 27 -33.01 14.41 26.66
C GLU B 27 -33.99 13.26 26.80
N VAL B 28 -34.73 13.00 25.74
CA VAL B 28 -35.74 11.94 25.74
C VAL B 28 -35.10 10.57 25.50
N GLU B 29 -34.16 10.50 24.56
CA GLU B 29 -33.59 9.23 24.15
C GLU B 29 -32.57 8.70 25.17
N ARG B 30 -31.80 9.61 25.77
CA ARG B 30 -30.75 9.24 26.71
C ARG B 30 -29.80 8.21 26.09
N PRO B 31 -29.13 8.59 24.98
CA PRO B 31 -28.19 7.69 24.30
C PRO B 31 -27.06 7.26 25.22
N ASP B 32 -26.57 6.04 25.05
CA ASP B 32 -25.53 5.49 25.91
C ASP B 32 -24.17 6.08 25.55
N LEU B 33 -23.56 6.75 26.52
CA LEU B 33 -22.22 7.31 26.34
C LEU B 33 -21.22 6.64 27.27
N ARG B 41 -14.63 11.20 32.69
CA ARG B 41 -15.93 11.70 32.25
C ARG B 41 -15.92 12.02 30.76
N VAL B 42 -17.03 11.73 30.10
CA VAL B 42 -17.12 11.89 28.66
C VAL B 42 -17.19 13.38 28.29
N VAL B 43 -16.56 13.72 27.16
CA VAL B 43 -16.58 15.08 26.64
C VAL B 43 -17.60 15.16 25.52
N ILE B 44 -18.51 16.13 25.60
CA ILE B 44 -19.60 16.27 24.65
C ILE B 44 -19.42 17.52 23.80
N LEU B 45 -19.48 17.34 22.49
CA LEU B 45 -19.37 18.45 21.55
C LEU B 45 -20.66 18.60 20.78
N PHE B 46 -21.17 19.82 20.69
CA PHE B 46 -22.29 20.15 19.80
C PHE B 46 -21.81 21.14 18.76
N THR B 47 -22.29 20.97 17.53
CA THR B 47 -22.03 21.96 16.48
C THR B 47 -23.17 22.02 15.49
N ASP B 48 -23.41 23.21 14.94
CA ASP B 48 -24.32 23.38 13.84
C ASP B 48 -23.91 24.59 13.01
N ILE B 49 -24.61 24.83 11.92
CA ILE B 49 -24.30 25.96 11.07
C ILE B 49 -25.02 27.21 11.56
N GLU B 50 -24.28 28.30 11.69
CA GLU B 50 -24.85 29.57 12.07
C GLU B 50 -25.91 30.00 11.05
N GLU B 51 -27.07 30.43 11.55
CA GLU B 51 -28.15 30.93 10.70
C GLU B 51 -28.56 29.89 9.66
N SER B 52 -28.66 28.64 10.10
CA SER B 52 -28.95 27.52 9.22
C SER B 52 -30.32 27.67 8.60
N THR B 53 -31.30 28.13 9.37
CA THR B 53 -32.65 28.25 8.86
C THR B 53 -32.71 29.28 7.72
N ALA B 54 -32.10 30.44 7.95
CA ALA B 54 -32.03 31.48 6.92
C ALA B 54 -31.32 30.95 5.67
N LEU B 55 -30.22 30.26 5.90
CA LEU B 55 -29.43 29.70 4.80
C LEU B 55 -30.29 28.75 3.97
N ASN B 56 -30.92 27.80 4.65
CA ASN B 56 -31.79 26.81 3.99
C ASN B 56 -32.89 27.48 3.17
N GLU B 57 -33.54 28.47 3.76
CA GLU B 57 -34.63 29.17 3.09
C GLU B 57 -34.14 29.87 1.82
N ARG B 58 -32.97 30.49 1.89
CA ARG B 58 -32.43 31.21 0.74
C ARG B 58 -32.02 30.27 -0.40
N ILE B 59 -31.20 29.25 -0.12
CA ILE B 59 -30.64 28.44 -1.21
C ILE B 59 -31.61 27.34 -1.68
N GLY B 60 -32.60 27.03 -0.85
CA GLY B 60 -33.62 26.07 -1.23
C GLY B 60 -33.27 24.65 -0.81
N ASP B 61 -34.29 23.79 -0.74
CA ASP B 61 -34.13 22.44 -0.19
C ASP B 61 -33.22 21.54 -1.02
N ARG B 62 -33.25 21.70 -2.34
CA ARG B 62 -32.41 20.89 -3.21
C ARG B 62 -30.93 21.17 -2.94
N ALA B 63 -30.57 22.46 -2.90
CA ALA B 63 -29.19 22.85 -2.58
C ALA B 63 -28.82 22.52 -1.14
N TRP B 64 -29.79 22.66 -0.23
CA TRP B 64 -29.55 22.39 1.19
C TRP B 64 -29.14 20.95 1.47
N VAL B 65 -29.85 19.96 0.90
CA VAL B 65 -29.52 18.57 1.24
C VAL B 65 -28.14 18.19 0.71
N LYS B 66 -27.73 18.80 -0.39
CA LYS B 66 -26.38 18.59 -0.91
C LYS B 66 -25.34 19.23 0.02
N LEU B 67 -25.62 20.44 0.47
CA LEU B 67 -24.72 21.16 1.35
C LEU B 67 -24.53 20.37 2.65
N ILE B 68 -25.65 19.94 3.23
CA ILE B 68 -25.64 19.18 4.48
C ILE B 68 -24.96 17.82 4.33
N SER B 69 -25.13 17.19 3.18
N SER B 69 -25.13 17.20 3.18
CA SER B 69 -24.47 15.91 2.93
CA SER B 69 -24.48 15.91 2.91
C SER B 69 -22.96 16.09 2.89
C SER B 69 -22.96 16.07 2.85
N SER B 70 -22.51 17.14 2.22
CA SER B 70 -21.08 17.42 2.11
C SER B 70 -20.50 17.79 3.47
N HIS B 71 -21.23 18.59 4.21
CA HIS B 71 -20.82 19.02 5.54
C HIS B 71 -20.67 17.80 6.45
N ASP B 72 -21.60 16.86 6.33
CA ASP B 72 -21.60 15.65 7.14
C ASP B 72 -20.36 14.79 6.91
N LYS B 73 -19.95 14.65 5.65
CA LYS B 73 -18.76 13.88 5.33
C LYS B 73 -17.52 14.55 5.89
N LEU B 74 -17.52 15.88 5.91
CA LEU B 74 -16.40 16.63 6.47
C LEU B 74 -16.32 16.44 7.99
N VAL B 75 -17.41 16.76 8.68
CA VAL B 75 -17.46 16.64 10.12
C VAL B 75 -17.15 15.20 10.54
N SER B 76 -17.77 14.24 9.88
CA SER B 76 -17.58 12.82 10.22
C SER B 76 -16.12 12.40 10.13
N ASP B 77 -15.44 12.88 9.10
CA ASP B 77 -14.05 12.51 8.87
C ASP B 77 -13.14 13.13 9.93
N LEU B 78 -13.42 14.37 10.32
CA LEU B 78 -12.62 15.05 11.33
C LEU B 78 -12.86 14.46 12.73
N VAL B 79 -14.10 14.09 13.02
CA VAL B 79 -14.42 13.46 14.29
C VAL B 79 -13.65 12.14 14.41
N ARG B 80 -13.70 11.34 13.36
CA ARG B 80 -13.02 10.05 13.33
C ARG B 80 -11.52 10.24 13.49
N ARG B 81 -11.01 11.36 12.99
CA ARG B 81 -9.58 11.67 13.09
C ARG B 81 -9.14 11.86 14.53
N GLN B 82 -10.04 12.35 15.39
CA GLN B 82 -9.72 12.59 16.79
C GLN B 82 -10.34 11.52 17.69
N SER B 83 -10.67 10.37 17.10
CA SER B 83 -11.17 9.22 17.84
C SER B 83 -12.48 9.53 18.56
N GLY B 84 -13.28 10.39 17.96
CA GLY B 84 -14.58 10.74 18.48
C GLY B 84 -15.65 9.84 17.90
N HIS B 85 -16.86 9.97 18.44
CA HIS B 85 -18.01 9.19 18.00
C HIS B 85 -19.20 10.12 17.78
N VAL B 86 -19.74 10.13 16.57
CA VAL B 86 -20.96 10.88 16.30
C VAL B 86 -22.14 10.13 16.92
N VAL B 87 -22.66 10.66 18.02
CA VAL B 87 -23.80 10.07 18.69
C VAL B 87 -25.04 10.20 17.82
N LYS B 88 -25.22 11.38 17.24
CA LYS B 88 -26.40 11.66 16.43
C LYS B 88 -26.18 12.94 15.64
N SER B 89 -26.81 13.01 14.47
CA SER B 89 -26.78 14.20 13.64
C SER B 89 -28.20 14.53 13.21
N GLN B 90 -28.46 15.80 12.98
CA GLN B 90 -29.74 16.27 12.47
C GLN B 90 -29.46 17.44 11.53
N GLY B 91 -29.51 17.17 10.24
CA GLY B 91 -29.16 18.16 9.25
C GLY B 91 -27.74 18.66 9.45
N ASP B 92 -27.62 19.94 9.78
CA ASP B 92 -26.33 20.59 9.97
C ASP B 92 -25.79 20.39 11.38
N GLY B 93 -26.64 19.89 12.28
CA GLY B 93 -26.28 19.73 13.68
C GLY B 93 -25.69 18.38 14.01
N PHE B 94 -24.73 18.36 14.92
CA PHE B 94 -24.07 17.14 15.35
C PHE B 94 -23.90 17.12 16.85
N MET B 95 -24.10 15.94 17.42
CA MET B 95 -23.77 15.66 18.81
C MET B 95 -22.64 14.63 18.80
N VAL B 96 -21.49 15.00 19.36
CA VAL B 96 -20.30 14.17 19.28
C VAL B 96 -19.73 13.91 20.68
N ALA B 97 -19.24 12.70 20.91
CA ALA B 97 -18.64 12.34 22.18
C ALA B 97 -17.17 11.98 22.00
N PHE B 98 -16.35 12.41 22.96
CA PHE B 98 -14.91 12.13 22.94
C PHE B 98 -14.48 11.58 24.29
N ALA B 99 -13.39 10.84 24.30
CA ALA B 99 -12.84 10.30 25.54
C ALA B 99 -12.10 11.37 26.33
N ARG B 100 -11.49 12.33 25.63
CA ARG B 100 -10.65 13.33 26.26
C ARG B 100 -10.92 14.75 25.72
N PRO B 101 -10.84 15.76 26.60
CA PRO B 101 -11.18 17.13 26.18
C PRO B 101 -10.30 17.64 25.07
N GLU B 102 -9.02 17.26 25.07
CA GLU B 102 -8.09 17.70 24.04
C GLU B 102 -8.57 17.26 22.67
N GLN B 103 -9.16 16.08 22.58
CA GLN B 103 -9.65 15.55 21.31
C GLN B 103 -10.79 16.42 20.79
N ALA B 104 -11.75 16.72 21.66
CA ALA B 104 -12.92 17.50 21.27
C ALA B 104 -12.53 18.89 20.76
N VAL B 105 -11.62 19.54 21.47
CA VAL B 105 -11.18 20.88 21.10
C VAL B 105 -10.37 20.85 19.80
N ARG B 106 -9.50 19.86 19.66
CA ARG B 106 -8.69 19.73 18.44
C ARG B 106 -9.60 19.52 17.23
N CYS B 107 -10.59 18.65 17.37
CA CYS B 107 -11.57 18.43 16.33
C CYS B 107 -12.27 19.73 15.95
N GLY B 108 -12.65 20.51 16.95
CA GLY B 108 -13.31 21.77 16.72
C GLY B 108 -12.43 22.76 15.98
N ILE B 109 -11.18 22.88 16.42
CA ILE B 109 -10.19 23.72 15.77
C ILE B 109 -10.04 23.36 14.29
N GLU B 110 -9.97 22.06 14.02
CA GLU B 110 -9.75 21.57 12.67
C GLU B 110 -10.97 21.83 11.79
N LEU B 111 -12.16 21.71 12.37
CA LEU B 111 -13.38 21.97 11.62
C LEU B 111 -13.46 23.43 11.22
N GLN B 112 -13.24 24.33 12.17
CA GLN B 112 -13.25 25.77 11.92
C GLN B 112 -12.23 26.14 10.84
N ARG B 113 -11.07 25.52 10.91
CA ARG B 113 -10.03 25.73 9.92
C ARG B 113 -10.48 25.28 8.53
N ALA B 114 -11.07 24.10 8.44
CA ALA B 114 -11.51 23.56 7.16
C ALA B 114 -12.55 24.46 6.51
N LEU B 115 -13.44 25.01 7.33
CA LEU B 115 -14.51 25.87 6.84
C LEU B 115 -13.98 27.21 6.38
N ARG B 116 -13.02 27.77 7.11
CA ARG B 116 -12.36 29.00 6.70
C ARG B 116 -11.67 28.80 5.36
N ARG B 117 -11.05 27.63 5.21
CA ARG B 117 -10.38 27.26 3.96
C ARG B 117 -11.38 27.17 2.82
N ASN B 118 -12.56 26.62 3.09
CA ASN B 118 -13.60 26.49 2.07
C ASN B 118 -14.19 27.85 1.70
N ALA B 119 -14.24 28.75 2.68
CA ALA B 119 -14.79 30.08 2.46
C ALA B 119 -13.87 30.90 1.58
N HIS B 124 -18.57 27.58 -2.30
CA HIS B 124 -19.53 28.58 -2.74
C HIS B 124 -20.08 29.37 -1.56
N GLU B 125 -21.11 28.83 -0.91
CA GLU B 125 -21.69 29.45 0.27
C GLU B 125 -20.68 29.47 1.41
N GLU B 126 -20.47 30.64 2.01
CA GLU B 126 -19.64 30.71 3.21
C GLU B 126 -20.42 30.13 4.37
N ILE B 127 -19.92 29.02 4.90
CA ILE B 127 -20.53 28.38 6.05
C ILE B 127 -19.70 28.69 7.29
N ARG B 128 -20.40 29.02 8.37
CA ARG B 128 -19.78 29.15 9.68
C ARG B 128 -20.51 28.23 10.63
N VAL B 129 -19.78 27.57 11.53
CA VAL B 129 -20.41 26.69 12.50
C VAL B 129 -20.22 27.20 13.92
N ARG B 130 -21.23 26.97 14.75
CA ARG B 130 -21.13 27.18 16.19
C ARG B 130 -20.58 25.90 16.77
N ILE B 131 -19.70 26.01 17.77
CA ILE B 131 -19.22 24.81 18.47
C ILE B 131 -19.19 25.07 19.97
N GLY B 132 -19.72 24.12 20.72
CA GLY B 132 -19.70 24.16 22.17
C GLY B 132 -19.23 22.82 22.69
N ILE B 133 -18.45 22.86 23.77
CA ILE B 133 -17.84 21.66 24.31
C ILE B 133 -17.95 21.69 25.82
N HIS B 134 -18.42 20.59 26.41
CA HIS B 134 -18.60 20.51 27.85
C HIS B 134 -18.14 19.15 28.35
N MET B 135 -17.64 19.13 29.58
CA MET B 135 -17.25 17.90 30.24
C MET B 135 -17.87 17.91 31.63
N GLY B 136 -18.34 16.76 32.07
CA GLY B 136 -19.04 16.66 33.33
C GLY B 136 -18.15 16.79 34.55
N ARG B 137 -18.78 17.10 35.68
CA ARG B 137 -18.11 17.12 36.97
C ARG B 137 -19.08 16.55 38.01
N SER B 138 -18.54 16.03 39.11
CA SER B 138 -19.38 15.48 40.16
C SER B 138 -20.19 16.59 40.83
N VAL B 139 -21.50 16.40 40.90
CA VAL B 139 -22.38 17.35 41.59
C VAL B 139 -23.42 16.62 42.43
N ARG B 140 -24.06 17.35 43.33
CA ARG B 140 -25.13 16.78 44.15
C ARG B 140 -26.35 16.49 43.28
N ARG B 141 -27.15 15.52 43.70
CA ARG B 141 -28.31 15.08 42.92
C ARG B 141 -29.29 16.23 42.68
N GLY B 142 -29.29 17.21 43.58
CA GLY B 142 -30.18 18.35 43.46
C GLY B 142 -29.68 19.45 42.54
N ASP B 143 -28.47 19.29 41.99
CA ASP B 143 -27.89 20.32 41.14
C ASP B 143 -28.46 20.27 39.73
N ASP B 144 -28.51 21.42 39.07
CA ASP B 144 -29.04 21.52 37.72
C ASP B 144 -28.29 20.63 36.72
N LEU B 145 -27.00 20.42 36.96
CA LEU B 145 -26.14 19.71 36.00
C LEU B 145 -26.24 18.18 36.12
N PHE B 146 -26.74 17.71 37.25
CA PHE B 146 -26.78 16.26 37.48
C PHE B 146 -27.60 15.52 36.42
N GLY B 147 -26.92 14.67 35.66
CA GLY B 147 -27.58 13.86 34.63
C GLY B 147 -27.92 14.65 33.38
N ARG B 148 -27.43 15.88 33.31
CA ARG B 148 -27.80 16.79 32.22
C ARG B 148 -26.57 17.44 31.59
N ASN B 149 -25.46 16.70 31.54
CA ASN B 149 -24.25 17.18 30.89
C ASN B 149 -24.45 17.38 29.39
N VAL B 150 -25.30 16.56 28.79
CA VAL B 150 -25.61 16.71 27.37
C VAL B 150 -26.37 18.00 27.14
N ALA B 151 -27.42 18.22 27.95
CA ALA B 151 -28.21 19.46 27.86
C ALA B 151 -27.33 20.69 28.02
N MET B 152 -26.36 20.60 28.93
CA MET B 152 -25.43 21.69 29.15
C MET B 152 -24.59 21.97 27.91
N ALA B 153 -24.01 20.92 27.35
CA ALA B 153 -23.17 21.06 26.16
C ALA B 153 -23.94 21.76 25.04
N ALA B 154 -25.21 21.40 24.88
CA ALA B 154 -26.07 21.99 23.86
C ALA B 154 -26.26 23.49 24.08
N ARG B 155 -26.40 23.89 25.34
CA ARG B 155 -26.58 25.30 25.66
C ARG B 155 -25.28 26.07 25.43
N VAL B 156 -24.16 25.45 25.77
CA VAL B 156 -22.85 26.07 25.53
C VAL B 156 -22.67 26.37 24.04
N ALA B 157 -22.98 25.39 23.20
CA ALA B 157 -22.86 25.55 21.75
C ALA B 157 -23.82 26.61 21.25
N ALA B 158 -25.00 26.67 21.85
CA ALA B 158 -26.02 27.64 21.47
C ALA B 158 -25.55 29.06 21.75
N GLN B 159 -24.68 29.20 22.74
CA GLN B 159 -24.14 30.50 23.10
C GLN B 159 -23.07 30.95 22.11
N ALA B 160 -22.45 29.99 21.44
CA ALA B 160 -21.31 30.27 20.59
C ALA B 160 -21.71 31.02 19.32
N ALA B 161 -20.88 31.97 18.91
CA ALA B 161 -21.09 32.65 17.63
C ALA B 161 -20.57 31.76 16.51
N GLY B 162 -20.98 32.03 15.28
CA GLY B 162 -20.43 31.32 14.14
C GLY B 162 -18.93 31.58 14.09
N GLY B 163 -18.15 30.53 13.92
CA GLY B 163 -16.70 30.65 13.87
C GLY B 163 -16.07 30.57 15.25
N GLU B 164 -16.91 30.41 16.27
CA GLU B 164 -16.45 30.40 17.66
C GLU B 164 -16.54 29.00 18.27
N ILE B 165 -15.61 28.69 19.15
CA ILE B 165 -15.65 27.47 19.98
C ILE B 165 -15.72 27.85 21.45
N LEU B 166 -16.85 27.58 22.09
CA LEU B 166 -17.01 27.87 23.51
C LEU B 166 -16.91 26.61 24.33
N VAL B 167 -16.31 26.71 25.52
CA VAL B 167 -16.21 25.57 26.42
C VAL B 167 -16.65 25.92 27.84
N SER B 168 -17.09 24.89 28.56
CA SER B 168 -17.47 25.03 29.95
C SER B 168 -16.22 25.13 30.83
N GLN B 169 -16.42 25.44 32.11
CA GLN B 169 -15.31 25.58 33.05
C GLN B 169 -14.45 24.31 33.13
N PRO B 170 -15.08 23.14 33.31
CA PRO B 170 -14.29 21.91 33.47
C PRO B 170 -13.37 21.60 32.29
N VAL B 171 -13.81 21.91 31.08
CA VAL B 171 -12.98 21.69 29.90
C VAL B 171 -11.79 22.64 29.93
N ARG B 172 -12.08 23.92 30.18
CA ARG B 172 -11.03 24.93 30.29
C ARG B 172 -10.00 24.56 31.36
N ASP B 173 -10.47 23.97 32.45
CA ASP B 173 -9.59 23.61 33.56
C ASP B 173 -8.72 22.40 33.22
N ALA B 174 -9.28 21.47 32.47
CA ALA B 174 -8.57 20.25 32.10
C ALA B 174 -7.46 20.55 31.09
N LEU B 175 -7.62 21.64 30.35
CA LEU B 175 -6.68 22.02 29.30
C LEU B 175 -5.90 23.27 29.70
N SER B 176 -5.55 23.36 30.99
CA SER B 176 -4.81 24.50 31.50
C SER B 176 -3.33 24.39 31.12
N ARG B 177 -2.75 23.21 31.31
CA ARG B 177 -1.34 22.99 31.02
C ARG B 177 -1.15 22.44 29.61
N SER B 178 -2.09 22.77 28.72
CA SER B 178 -2.07 22.30 27.34
C SER B 178 -1.61 23.40 26.39
N GLY B 180 -0.16 24.75 23.38
CA GLY B 180 -1.18 23.93 22.78
C GLY B 180 -2.41 24.73 22.42
N ILE B 181 -3.34 24.82 23.38
CA ILE B 181 -4.60 25.54 23.18
C ILE B 181 -4.76 26.67 24.19
N ARG B 182 -5.21 27.83 23.71
CA ARG B 182 -5.37 29.02 24.54
C ARG B 182 -6.84 29.43 24.66
N PHE B 183 -7.18 30.11 25.75
CA PHE B 183 -8.54 30.55 26.01
C PHE B 183 -8.61 32.06 26.26
N ASP B 184 -9.81 32.63 26.14
CA ASP B 184 -10.03 34.01 26.55
C ASP B 184 -10.34 34.03 28.06
N ASP B 185 -10.72 35.19 28.57
CA ASP B 185 -10.90 35.35 30.01
C ASP B 185 -12.31 34.99 30.47
N GLY B 186 -13.14 34.51 29.55
CA GLY B 186 -14.44 33.97 29.90
C GLY B 186 -15.59 34.96 29.85
N ARG B 187 -16.81 34.43 29.75
CA ARG B 187 -18.03 35.22 29.79
C ARG B 187 -19.03 34.56 30.74
N GLU B 188 -19.74 35.37 31.51
CA GLU B 188 -20.73 34.86 32.46
C GLU B 188 -22.13 34.97 31.86
N VAL B 189 -22.81 33.84 31.76
CA VAL B 189 -24.15 33.82 31.16
C VAL B 189 -25.11 32.90 31.90
N GLU B 190 -26.41 33.12 31.67
CA GLU B 190 -27.46 32.25 32.17
C GLU B 190 -27.90 31.34 31.03
N LEU B 191 -27.91 30.03 31.30
CA LEU B 191 -28.30 29.06 30.28
C LEU B 191 -29.72 28.57 30.55
N LYS B 192 -30.56 28.58 29.51
CA LYS B 192 -31.94 28.14 29.61
C LYS B 192 -32.02 26.72 30.17
N GLY B 193 -32.67 26.59 31.33
CA GLY B 193 -32.86 25.31 31.96
C GLY B 193 -31.94 25.10 33.15
N PHE B 194 -31.14 26.11 33.46
CA PHE B 194 -30.17 26.03 34.55
C PHE B 194 -30.21 27.29 35.42
N SER B 195 -30.01 27.09 36.71
CA SER B 195 -30.06 28.17 37.69
C SER B 195 -28.70 28.83 37.89
N GLY B 196 -28.71 30.08 38.32
CA GLY B 196 -27.48 30.82 38.50
C GLY B 196 -26.84 31.14 37.16
N THR B 197 -25.53 31.32 37.17
CA THR B 197 -24.77 31.64 35.97
C THR B 197 -23.62 30.68 35.79
N TYR B 198 -23.11 30.59 34.56
CA TYR B 198 -21.95 29.77 34.25
C TYR B 198 -20.94 30.58 33.46
N ARG B 199 -19.66 30.28 33.66
CA ARG B 199 -18.59 30.90 32.89
C ARG B 199 -18.23 30.04 31.69
N LEU B 200 -18.31 30.62 30.50
CA LEU B 200 -17.91 29.93 29.27
C LEU B 200 -16.68 30.60 28.68
N PHE B 201 -15.80 29.79 28.11
CA PHE B 201 -14.51 30.27 27.63
C PHE B 201 -14.34 29.96 26.14
N ALA B 202 -13.86 30.95 25.38
CA ALA B 202 -13.68 30.79 23.94
C ALA B 202 -12.25 30.34 23.62
N VAL B 203 -12.12 29.45 22.64
CA VAL B 203 -10.81 29.01 22.17
C VAL B 203 -10.23 30.07 21.25
N LEU B 204 -9.01 30.52 21.56
CA LEU B 204 -8.33 31.54 20.78
C LEU B 204 -7.71 30.96 19.52
N VAL C 15 -43.99 17.36 -13.60
CA VAL C 15 -44.21 17.23 -15.03
C VAL C 15 -42.95 17.64 -15.81
N ARG C 16 -42.27 18.68 -15.35
CA ARG C 16 -41.02 19.11 -15.97
C ARG C 16 -39.85 18.29 -15.43
N SER C 17 -38.98 17.85 -16.33
CA SER C 17 -37.74 17.21 -15.93
C SER C 17 -36.81 18.26 -15.35
N SER C 18 -35.78 17.80 -14.64
CA SER C 18 -34.77 18.70 -14.10
C SER C 18 -33.99 19.44 -15.19
N ILE C 19 -33.79 18.81 -16.35
CA ILE C 19 -33.20 19.50 -17.50
C ILE C 19 -34.09 20.66 -17.95
N GLU C 20 -35.40 20.43 -18.00
CA GLU C 20 -36.33 21.46 -18.42
C GLU C 20 -36.38 22.60 -17.42
N GLU C 21 -36.32 22.26 -16.12
CA GLU C 21 -36.33 23.27 -15.08
C GLU C 21 -35.11 24.17 -15.24
N LEU C 22 -33.96 23.56 -15.53
CA LEU C 22 -32.72 24.30 -15.74
C LEU C 22 -32.75 25.14 -17.02
N ALA C 23 -33.29 24.55 -18.08
CA ALA C 23 -33.37 25.24 -19.36
C ALA C 23 -34.26 26.47 -19.24
N ASP C 24 -35.40 26.31 -18.56
CA ASP C 24 -36.35 27.39 -18.37
C ASP C 24 -35.73 28.51 -17.55
N TRP C 25 -34.98 28.15 -16.50
CA TRP C 25 -34.26 29.14 -15.72
C TRP C 25 -33.21 29.87 -16.57
N ALA C 26 -32.46 29.12 -17.36
CA ALA C 26 -31.36 29.68 -18.11
C ALA C 26 -31.84 30.65 -19.19
N GLU C 27 -33.01 30.39 -19.76
CA GLU C 27 -33.59 31.26 -20.77
C GLU C 27 -33.86 32.64 -20.16
N VAL C 28 -34.30 32.65 -18.91
CA VAL C 28 -34.64 33.91 -18.24
C VAL C 28 -33.40 34.58 -17.66
N GLU C 29 -32.54 33.79 -17.02
CA GLU C 29 -31.34 34.30 -16.36
C GLU C 29 -30.23 34.74 -17.32
N ARG C 30 -30.07 34.01 -18.42
CA ARG C 30 -28.95 34.22 -19.34
C ARG C 30 -27.63 34.29 -18.57
N PRO C 31 -27.27 33.18 -17.91
CA PRO C 31 -26.12 33.14 -17.02
C PRO C 31 -24.78 33.19 -17.75
N ASP C 32 -23.76 33.70 -17.07
CA ASP C 32 -22.38 33.57 -17.52
C ASP C 32 -22.04 32.08 -17.64
N LEU C 33 -21.65 31.63 -18.82
CA LEU C 33 -21.34 30.22 -19.03
C LEU C 33 -19.91 29.88 -18.58
N ALA C 34 -19.09 30.92 -18.43
CA ALA C 34 -17.76 30.84 -17.82
C ALA C 34 -16.72 30.03 -18.61
N ARG C 35 -17.13 29.39 -19.72
CA ARG C 35 -16.17 28.62 -20.53
C ARG C 35 -16.27 28.96 -22.02
N VAL C 36 -16.70 30.18 -22.32
CA VAL C 36 -16.71 30.63 -23.71
C VAL C 36 -15.27 30.86 -24.14
N THR C 37 -14.93 30.42 -25.34
CA THR C 37 -13.58 30.54 -25.89
C THR C 37 -13.31 31.92 -26.43
N PRO C 38 -12.02 32.23 -26.69
CA PRO C 38 -11.67 33.51 -27.30
C PRO C 38 -12.41 33.81 -28.60
N ASP C 39 -12.66 32.80 -29.45
CA ASP C 39 -13.34 33.07 -30.71
C ASP C 39 -14.87 32.98 -30.59
N GLY C 40 -15.36 32.91 -29.37
CA GLY C 40 -16.77 33.12 -29.08
C GLY C 40 -17.64 31.86 -29.03
N ARG C 41 -17.01 30.70 -29.06
CA ARG C 41 -17.74 29.44 -29.07
C ARG C 41 -17.79 28.82 -27.67
N VAL C 42 -18.83 28.05 -27.43
CA VAL C 42 -18.99 27.33 -26.16
C VAL C 42 -19.73 26.03 -26.41
N VAL C 43 -19.47 25.05 -25.57
CA VAL C 43 -20.12 23.75 -25.60
C VAL C 43 -21.00 23.64 -24.37
N ILE C 44 -22.24 23.21 -24.56
CA ILE C 44 -23.19 23.13 -23.48
C ILE C 44 -23.67 21.69 -23.35
N LEU C 45 -23.57 21.18 -22.12
CA LEU C 45 -24.00 19.83 -21.79
C LEU C 45 -25.12 19.90 -20.77
N PHE C 46 -26.21 19.18 -21.03
CA PHE C 46 -27.26 18.96 -20.02
C PHE C 46 -27.32 17.48 -19.66
N THR C 47 -27.60 17.21 -18.40
CA THR C 47 -27.79 15.84 -17.97
C THR C 47 -28.76 15.77 -16.79
N ASP C 48 -29.50 14.66 -16.73
CA ASP C 48 -30.31 14.37 -15.56
C ASP C 48 -30.52 12.87 -15.45
N ILE C 49 -31.21 12.46 -14.39
CA ILE C 49 -31.50 11.06 -14.16
C ILE C 49 -32.86 10.73 -14.75
N GLU C 50 -32.87 9.72 -15.61
CA GLU C 50 -34.10 9.27 -16.22
C GLU C 50 -35.07 8.74 -15.17
N GLU C 51 -36.33 9.15 -15.27
CA GLU C 51 -37.39 8.72 -14.36
C GLU C 51 -36.97 8.90 -12.90
N SER C 52 -36.40 10.06 -12.59
CA SER C 52 -35.88 10.34 -11.25
C SER C 52 -36.96 10.27 -10.17
N THR C 53 -38.15 10.77 -10.46
CA THR C 53 -39.24 10.78 -9.49
C THR C 53 -39.70 9.37 -9.14
N ALA C 54 -39.77 8.50 -10.14
CA ALA C 54 -40.12 7.10 -9.91
C ALA C 54 -39.06 6.42 -9.04
N LEU C 55 -37.80 6.73 -9.34
CA LEU C 55 -36.68 6.20 -8.57
C LEU C 55 -36.75 6.66 -7.11
N ASN C 56 -36.94 7.96 -6.92
CA ASN C 56 -37.14 8.52 -5.58
C ASN C 56 -38.24 7.78 -4.84
N GLU C 57 -39.38 7.60 -5.50
CA GLU C 57 -40.53 6.96 -4.88
C GLU C 57 -40.23 5.50 -4.53
N ARG C 58 -39.35 4.88 -5.29
CA ARG C 58 -39.03 3.47 -5.08
C ARG C 58 -38.07 3.27 -3.89
N ILE C 59 -37.05 4.10 -3.78
CA ILE C 59 -36.00 3.89 -2.78
C ILE C 59 -36.20 4.71 -1.50
N GLY C 60 -37.05 5.73 -1.58
CA GLY C 60 -37.35 6.55 -0.42
C GLY C 60 -36.46 7.77 -0.31
N ASP C 61 -36.87 8.71 0.53
CA ASP C 61 -36.20 10.00 0.61
C ASP C 61 -34.79 9.93 1.18
N ARG C 62 -34.57 9.12 2.21
CA ARG C 62 -33.22 9.03 2.79
C ARG C 62 -32.22 8.48 1.78
N ALA C 63 -32.58 7.40 1.10
CA ALA C 63 -31.69 6.83 0.09
C ALA C 63 -31.53 7.78 -1.10
N TRP C 64 -32.58 8.52 -1.42
CA TRP C 64 -32.55 9.45 -2.55
C TRP C 64 -31.56 10.58 -2.31
N VAL C 65 -31.59 11.15 -1.11
CA VAL C 65 -30.70 12.26 -0.77
C VAL C 65 -29.23 11.81 -0.81
N LYS C 66 -28.95 10.62 -0.30
CA LYS C 66 -27.61 10.06 -0.38
C LYS C 66 -27.20 9.87 -1.83
N LEU C 67 -28.10 9.30 -2.62
CA LEU C 67 -27.87 9.08 -4.04
C LEU C 67 -27.61 10.38 -4.78
N ILE C 68 -28.46 11.38 -4.56
CA ILE C 68 -28.34 12.67 -5.24
C ILE C 68 -27.06 13.42 -4.83
N SER C 69 -26.70 13.35 -3.55
CA SER C 69 -25.49 14.01 -3.07
C SER C 69 -24.23 13.37 -3.67
N SER C 70 -24.20 12.05 -3.71
N SER C 70 -24.20 12.04 -3.69
N SER C 70 -24.21 12.05 -3.69
CA SER C 70 -23.04 11.35 -4.28
CA SER C 70 -23.07 11.32 -4.27
CA SER C 70 -23.09 11.31 -4.27
C SER C 70 -22.97 11.54 -5.78
C SER C 70 -22.97 11.57 -5.77
C SER C 70 -22.98 11.58 -5.77
N HIS C 71 -24.12 11.60 -6.44
CA HIS C 71 -24.17 11.83 -7.89
C HIS C 71 -23.64 13.22 -8.23
N ASP C 72 -24.04 14.20 -7.43
CA ASP C 72 -23.57 15.57 -7.59
C ASP C 72 -22.06 15.66 -7.42
N LYS C 73 -21.52 14.97 -6.43
CA LYS C 73 -20.07 14.90 -6.23
C LYS C 73 -19.39 14.26 -7.45
N LEU C 74 -19.96 13.17 -7.95
CA LEU C 74 -19.42 12.49 -9.11
C LEU C 74 -19.43 13.39 -10.36
N VAL C 75 -20.56 14.01 -10.64
CA VAL C 75 -20.66 14.88 -11.82
C VAL C 75 -19.67 16.02 -11.70
N SER C 76 -19.63 16.66 -10.53
CA SER C 76 -18.76 17.80 -10.30
C SER C 76 -17.29 17.45 -10.50
N ASP C 77 -16.88 16.29 -9.99
CA ASP C 77 -15.50 15.84 -10.12
C ASP C 77 -15.14 15.62 -11.59
N LEU C 78 -16.03 14.96 -12.32
CA LEU C 78 -15.74 14.59 -13.69
C LEU C 78 -15.77 15.84 -14.58
N VAL C 79 -16.63 16.79 -14.27
CA VAL C 79 -16.64 18.06 -14.98
C VAL C 79 -15.31 18.80 -14.76
N ARG C 80 -14.85 18.88 -13.52
CA ARG C 80 -13.59 19.55 -13.21
C ARG C 80 -12.43 18.89 -13.95
N ARG C 81 -12.49 17.58 -14.09
CA ARG C 81 -11.41 16.82 -14.70
C ARG C 81 -11.23 17.21 -16.17
N GLN C 82 -12.34 17.60 -16.80
CA GLN C 82 -12.34 18.01 -18.20
C GLN C 82 -12.44 19.54 -18.35
N SER C 83 -12.08 20.24 -17.27
CA SER C 83 -12.02 21.70 -17.26
C SER C 83 -13.34 22.37 -17.58
N GLY C 84 -14.44 21.69 -17.28
CA GLY C 84 -15.76 22.27 -17.45
C GLY C 84 -16.22 23.12 -16.28
N HIS C 85 -17.37 23.74 -16.42
CA HIS C 85 -17.96 24.57 -15.38
C HIS C 85 -19.42 24.20 -15.21
N VAL C 86 -19.81 23.79 -14.01
CA VAL C 86 -21.23 23.56 -13.72
C VAL C 86 -21.88 24.93 -13.57
N VAL C 87 -22.69 25.31 -14.55
CA VAL C 87 -23.35 26.59 -14.56
C VAL C 87 -24.44 26.59 -13.51
N LYS C 88 -25.17 25.48 -13.43
CA LYS C 88 -26.25 25.37 -12.46
C LYS C 88 -26.65 23.91 -12.33
N SER C 89 -27.04 23.52 -11.11
CA SER C 89 -27.59 22.20 -10.87
C SER C 89 -28.95 22.32 -10.21
N GLN C 90 -29.76 21.28 -10.39
CA GLN C 90 -31.10 21.20 -9.82
C GLN C 90 -31.32 19.74 -9.50
N GLY C 91 -30.94 19.33 -8.30
CA GLY C 91 -31.08 17.94 -7.89
C GLY C 91 -30.24 17.01 -8.73
N ASP C 92 -30.91 16.19 -9.52
CA ASP C 92 -30.26 15.26 -10.45
C ASP C 92 -29.82 15.96 -11.74
N GLY C 93 -30.31 17.17 -11.96
CA GLY C 93 -30.05 17.88 -13.21
C GLY C 93 -28.85 18.82 -13.18
N PHE C 94 -28.11 18.88 -14.28
CA PHE C 94 -26.95 19.75 -14.39
C PHE C 94 -26.88 20.40 -15.77
N MET C 95 -26.54 21.68 -15.77
CA MET C 95 -26.20 22.44 -16.98
C MET C 95 -24.73 22.76 -16.87
N VAL C 96 -23.96 22.30 -17.84
CA VAL C 96 -22.50 22.40 -17.76
C VAL C 96 -21.94 23.04 -19.03
N ALA C 97 -20.94 23.91 -18.89
CA ALA C 97 -20.25 24.48 -20.05
C ALA C 97 -18.81 24.03 -20.14
N PHE C 98 -18.37 23.83 -21.38
CA PHE C 98 -16.98 23.50 -21.72
C PHE C 98 -16.48 24.39 -22.87
N ALA C 99 -15.18 24.68 -22.88
CA ALA C 99 -14.60 25.38 -24.02
C ALA C 99 -14.52 24.53 -25.28
N ARG C 100 -14.33 23.22 -25.13
N ARG C 100 -14.30 23.23 -25.13
CA ARG C 100 -14.08 22.34 -26.27
CA ARG C 100 -14.08 22.34 -26.27
C ARG C 100 -14.98 21.11 -26.28
C ARG C 100 -15.00 21.12 -26.28
N PRO C 101 -15.43 20.69 -27.48
CA PRO C 101 -16.38 19.57 -27.56
C PRO C 101 -15.79 18.24 -27.08
N GLU C 102 -14.49 18.03 -27.26
N GLU C 102 -14.50 18.01 -27.27
CA GLU C 102 -13.86 16.80 -26.81
CA GLU C 102 -13.85 16.80 -26.78
C GLU C 102 -13.83 16.73 -25.27
C GLU C 102 -13.98 16.74 -25.27
N GLN C 103 -13.81 17.88 -24.61
CA GLN C 103 -13.91 17.92 -23.14
C GLN C 103 -15.30 17.46 -22.69
N ALA C 104 -16.32 18.01 -23.32
CA ALA C 104 -17.70 17.68 -22.99
C ALA C 104 -17.99 16.20 -23.23
N VAL C 105 -17.56 15.68 -24.37
CA VAL C 105 -17.84 14.29 -24.72
C VAL C 105 -17.08 13.34 -23.78
N ARG C 106 -15.81 13.65 -23.50
CA ARG C 106 -15.02 12.80 -22.61
C ARG C 106 -15.65 12.78 -21.22
N CYS C 107 -16.15 13.93 -20.78
CA CYS C 107 -16.84 13.99 -19.49
C CYS C 107 -18.06 13.07 -19.52
N GLY C 108 -18.84 13.14 -20.58
CA GLY C 108 -20.03 12.32 -20.73
C GLY C 108 -19.70 10.84 -20.72
N ILE C 109 -18.63 10.49 -21.42
CA ILE C 109 -18.17 9.10 -21.50
C ILE C 109 -17.76 8.58 -20.13
N GLU C 110 -16.98 9.37 -19.41
N GLU C 110 -16.97 9.36 -19.41
CA GLU C 110 -16.51 8.98 -18.09
CA GLU C 110 -16.50 8.97 -18.09
C GLU C 110 -17.66 8.88 -17.09
C GLU C 110 -17.65 8.87 -17.09
N LEU C 111 -18.65 9.74 -17.22
CA LEU C 111 -19.82 9.69 -16.35
C LEU C 111 -20.59 8.39 -16.57
N GLN C 112 -20.83 8.03 -17.84
CA GLN C 112 -21.55 6.79 -18.16
C GLN C 112 -20.79 5.57 -17.66
N ARG C 113 -19.47 5.61 -17.79
CA ARG C 113 -18.65 4.50 -17.33
C ARG C 113 -18.70 4.38 -15.81
N ALA C 114 -18.62 5.51 -15.11
CA ALA C 114 -18.65 5.50 -13.64
C ALA C 114 -19.98 4.96 -13.13
N LEU C 115 -21.06 5.31 -13.81
CA LEU C 115 -22.39 4.85 -13.41
C LEU C 115 -22.54 3.34 -13.59
N ARG C 116 -21.86 2.80 -14.59
CA ARG C 116 -21.91 1.36 -14.85
C ARG C 116 -21.11 0.63 -13.77
N ARG C 117 -19.94 1.16 -13.46
CA ARG C 117 -19.08 0.58 -12.43
C ARG C 117 -19.77 0.59 -11.06
N ASN C 118 -20.47 1.68 -10.76
CA ASN C 118 -21.18 1.80 -9.48
C ASN C 118 -22.36 0.84 -9.40
N ALA C 119 -23.07 0.68 -10.51
CA ALA C 119 -24.24 -0.19 -10.55
C ALA C 119 -23.83 -1.65 -10.39
N ASN C 120 -22.65 -2.00 -10.88
CA ASN C 120 -22.12 -3.36 -10.72
C ASN C 120 -21.86 -3.67 -9.26
N ARG C 121 -21.29 -2.69 -8.55
CA ARG C 121 -20.97 -2.84 -7.13
C ARG C 121 -22.24 -2.79 -6.28
N GLU C 125 -31.95 0.79 -6.60
CA GLU C 125 -32.11 0.77 -8.04
C GLU C 125 -30.89 1.35 -8.74
N GLU C 126 -30.73 1.03 -10.02
CA GLU C 126 -29.61 1.54 -10.81
C GLU C 126 -29.95 2.90 -11.39
N ILE C 127 -28.91 3.66 -11.71
CA ILE C 127 -29.08 5.02 -12.21
C ILE C 127 -28.76 5.08 -13.69
N ARG C 128 -29.72 5.57 -14.46
CA ARG C 128 -29.51 5.83 -15.89
C ARG C 128 -29.61 7.33 -16.12
N VAL C 129 -28.59 7.86 -16.78
N VAL C 129 -28.54 7.92 -16.65
CA VAL C 129 -28.46 9.29 -16.94
CA VAL C 129 -28.55 9.35 -16.91
C VAL C 129 -28.55 9.69 -18.42
C VAL C 129 -28.63 9.64 -18.40
N ARG C 130 -29.40 10.68 -18.70
CA ARG C 130 -29.50 11.27 -20.04
C ARG C 130 -28.41 12.31 -20.18
N ILE C 131 -27.68 12.30 -21.28
CA ILE C 131 -26.69 13.35 -21.56
C ILE C 131 -26.84 13.85 -22.99
N GLY C 132 -26.94 15.17 -23.12
CA GLY C 132 -27.01 15.83 -24.41
C GLY C 132 -26.00 16.96 -24.50
N ILE C 133 -25.45 17.15 -25.69
CA ILE C 133 -24.35 18.10 -25.88
C ILE C 133 -24.56 18.85 -27.19
N HIS C 134 -24.42 20.18 -27.13
CA HIS C 134 -24.54 21.06 -28.30
C HIS C 134 -23.42 22.08 -28.21
N MET C 135 -23.09 22.73 -29.34
CA MET C 135 -22.16 23.84 -29.28
C MET C 135 -22.54 24.90 -30.27
N GLY C 136 -22.14 26.13 -29.98
CA GLY C 136 -22.39 27.22 -30.89
C GLY C 136 -21.72 28.50 -30.44
N ARG C 137 -21.98 29.55 -31.20
CA ARG C 137 -21.43 30.86 -30.95
C ARG C 137 -22.17 31.54 -29.81
N SER C 138 -21.40 32.12 -28.90
CA SER C 138 -21.92 32.73 -27.70
C SER C 138 -21.26 34.12 -27.57
N VAL C 139 -22.00 35.16 -27.91
CA VAL C 139 -21.48 36.52 -27.89
C VAL C 139 -22.06 37.26 -26.67
N ARG C 140 -23.22 37.89 -26.84
CA ARG C 140 -23.90 38.55 -25.73
C ARG C 140 -24.89 37.59 -25.09
N ARG C 141 -24.95 37.62 -23.77
CA ARG C 141 -25.82 36.72 -23.03
C ARG C 141 -27.30 36.98 -23.34
N GLY C 142 -27.63 38.21 -23.72
CA GLY C 142 -29.00 38.55 -24.10
C GLY C 142 -29.36 38.29 -25.55
N ASP C 143 -28.39 37.85 -26.36
CA ASP C 143 -28.65 37.63 -27.77
C ASP C 143 -29.49 36.39 -28.03
N ASP C 144 -30.19 36.37 -29.16
CA ASP C 144 -31.00 35.23 -29.57
C ASP C 144 -30.16 33.96 -29.70
N LEU C 145 -28.98 34.08 -30.30
CA LEU C 145 -28.12 32.92 -30.54
C LEU C 145 -27.70 32.26 -29.22
N PHE C 146 -27.38 33.07 -28.22
CA PHE C 146 -27.03 32.56 -26.90
C PHE C 146 -28.16 31.70 -26.36
N GLY C 147 -29.39 32.21 -26.45
CA GLY C 147 -30.53 31.52 -25.88
C GLY C 147 -30.83 30.26 -26.66
N ARG C 148 -30.69 30.34 -27.98
CA ARG C 148 -30.90 29.20 -28.86
C ARG C 148 -29.90 28.07 -28.58
N ASN C 149 -28.64 28.43 -28.34
CA ASN C 149 -27.61 27.44 -28.04
C ASN C 149 -27.96 26.64 -26.78
N VAL C 150 -28.38 27.35 -25.75
CA VAL C 150 -28.74 26.72 -24.49
C VAL C 150 -30.00 25.86 -24.67
N ALA C 151 -31.01 26.43 -25.31
CA ALA C 151 -32.28 25.74 -25.49
C ALA C 151 -32.10 24.47 -26.32
N MET C 152 -31.28 24.54 -27.37
CA MET C 152 -31.00 23.37 -28.20
C MET C 152 -30.31 22.26 -27.41
N ALA C 153 -29.30 22.63 -26.62
CA ALA C 153 -28.58 21.66 -25.80
C ALA C 153 -29.55 20.89 -24.91
N ALA C 154 -30.50 21.62 -24.33
CA ALA C 154 -31.46 21.03 -23.41
C ALA C 154 -32.37 20.04 -24.15
N ARG C 155 -32.76 20.38 -25.38
CA ARG C 155 -33.61 19.48 -26.16
C ARG C 155 -32.83 18.26 -26.64
N VAL C 156 -31.56 18.43 -26.96
CA VAL C 156 -30.73 17.29 -27.36
C VAL C 156 -30.63 16.30 -26.19
N ALA C 157 -30.41 16.82 -24.99
CA ALA C 157 -30.37 15.98 -23.80
C ALA C 157 -31.71 15.30 -23.52
N ALA C 158 -32.80 16.02 -23.71
CA ALA C 158 -34.14 15.46 -23.47
C ALA C 158 -34.43 14.32 -24.44
N GLN C 159 -33.81 14.37 -25.62
CA GLN C 159 -33.97 13.31 -26.62
C GLN C 159 -33.14 12.08 -26.29
N ALA C 160 -32.11 12.25 -25.47
CA ALA C 160 -31.23 11.16 -25.09
C ALA C 160 -31.96 10.16 -24.20
N ALA C 161 -31.78 8.88 -24.46
CA ALA C 161 -32.30 7.83 -23.59
C ALA C 161 -31.43 7.76 -22.34
N GLY C 162 -31.97 7.22 -21.26
CA GLY C 162 -31.14 6.99 -20.10
C GLY C 162 -30.00 6.07 -20.46
N GLY C 163 -28.77 6.51 -20.19
CA GLY C 163 -27.61 5.70 -20.52
C GLY C 163 -26.96 6.09 -21.83
N GLU C 164 -27.57 7.05 -22.53
CA GLU C 164 -27.12 7.49 -23.86
C GLU C 164 -26.48 8.89 -23.82
N ILE C 165 -25.47 9.11 -24.66
CA ILE C 165 -24.95 10.44 -24.91
C ILE C 165 -25.30 10.84 -26.34
N LEU C 166 -26.11 11.89 -26.51
CA LEU C 166 -26.40 12.44 -27.82
C LEU C 166 -25.70 13.77 -28.03
N VAL C 167 -25.25 14.02 -29.26
CA VAL C 167 -24.64 15.28 -29.61
C VAL C 167 -25.24 15.77 -30.92
N SER C 168 -25.28 17.08 -31.07
CA SER C 168 -25.75 17.73 -32.30
C SER C 168 -24.68 17.67 -33.37
N GLN C 169 -25.06 18.03 -34.59
CA GLN C 169 -24.14 17.93 -35.71
C GLN C 169 -22.90 18.83 -35.58
N PRO C 170 -23.07 20.05 -35.04
CA PRO C 170 -21.87 20.89 -34.85
C PRO C 170 -20.82 20.26 -33.93
N VAL C 171 -21.26 19.55 -32.89
CA VAL C 171 -20.33 18.85 -32.01
C VAL C 171 -19.67 17.70 -32.77
N ARG C 172 -20.49 16.90 -33.42
CA ARG C 172 -19.98 15.73 -34.12
C ARG C 172 -19.02 16.14 -35.23
N ASP C 173 -19.35 17.21 -35.95
CA ASP C 173 -18.48 17.70 -37.02
C ASP C 173 -17.16 18.25 -36.50
N ALA C 174 -17.17 18.79 -35.28
CA ALA C 174 -15.94 19.29 -34.68
C ALA C 174 -15.05 18.14 -34.19
N LEU C 175 -15.61 16.93 -34.06
CA LEU C 175 -14.88 15.79 -33.48
C LEU C 175 -14.66 14.62 -34.44
N SER C 176 -14.86 14.83 -35.74
CA SER C 176 -14.71 13.74 -36.70
C SER C 176 -13.23 13.40 -36.94
N SER C 178 -9.88 12.89 -35.07
CA SER C 178 -8.57 12.68 -34.44
C SER C 178 -8.66 12.69 -32.92
N ASP C 179 -9.86 12.90 -32.39
CA ASP C 179 -10.09 12.94 -30.95
C ASP C 179 -10.23 11.53 -30.37
N GLY C 180 -10.29 10.53 -31.25
CA GLY C 180 -10.45 9.15 -30.82
C GLY C 180 -11.88 8.84 -30.40
N ILE C 181 -12.80 9.72 -30.76
CA ILE C 181 -14.20 9.60 -30.38
C ILE C 181 -15.02 9.09 -31.54
N ARG C 182 -15.87 8.10 -31.27
CA ARG C 182 -16.70 7.45 -32.29
C ARG C 182 -18.17 7.77 -32.09
N PHE C 183 -18.91 7.79 -33.19
CA PHE C 183 -20.35 8.06 -33.18
C PHE C 183 -21.08 7.05 -34.03
N ASP C 184 -22.38 6.92 -33.82
CA ASP C 184 -23.20 6.17 -34.77
C ASP C 184 -23.44 7.04 -36.00
N ASP C 185 -24.39 6.63 -36.85
CA ASP C 185 -24.63 7.33 -38.11
C ASP C 185 -25.76 8.35 -37.97
N GLY C 186 -26.16 8.59 -36.73
CA GLY C 186 -27.12 9.63 -36.41
C GLY C 186 -28.57 9.23 -36.63
N ARG C 187 -29.46 10.06 -36.11
CA ARG C 187 -30.89 9.95 -36.39
C ARG C 187 -31.43 11.36 -36.48
N GLU C 188 -32.33 11.61 -37.42
CA GLU C 188 -32.86 12.95 -37.64
C GLU C 188 -34.25 13.03 -37.05
N VAL C 189 -34.41 13.85 -36.01
CA VAL C 189 -35.62 13.88 -35.21
C VAL C 189 -36.12 15.29 -34.98
N GLU C 190 -37.38 15.40 -34.58
CA GLU C 190 -37.98 16.68 -34.22
C GLU C 190 -37.66 17.05 -32.78
N LEU C 191 -37.38 18.32 -32.53
CA LEU C 191 -37.12 18.83 -31.19
C LEU C 191 -38.18 19.88 -30.82
N LYS C 192 -38.77 19.72 -29.64
CA LYS C 192 -39.80 20.64 -29.17
C LYS C 192 -39.33 22.09 -29.20
N GLY C 193 -40.12 22.95 -29.81
CA GLY C 193 -39.82 24.38 -29.83
C GLY C 193 -38.92 24.81 -30.96
N PHE C 194 -38.51 23.87 -31.80
CA PHE C 194 -37.65 24.15 -32.95
C PHE C 194 -38.31 23.70 -34.24
N SER C 195 -38.15 24.51 -35.29
CA SER C 195 -38.64 24.17 -36.62
C SER C 195 -37.83 23.05 -37.27
N GLY C 196 -38.50 22.17 -38.01
CA GLY C 196 -37.83 21.19 -38.84
C GLY C 196 -37.38 19.96 -38.09
N THR C 197 -36.21 19.46 -38.45
CA THR C 197 -35.60 18.33 -37.79
C THR C 197 -34.11 18.58 -37.61
N TYR C 198 -33.51 17.83 -36.69
CA TYR C 198 -32.09 17.94 -36.37
C TYR C 198 -31.49 16.55 -36.30
N ARG C 199 -30.29 16.43 -36.83
CA ARG C 199 -29.58 15.16 -36.85
C ARG C 199 -28.72 15.09 -35.59
N LEU C 200 -29.02 14.10 -34.75
CA LEU C 200 -28.29 13.88 -33.52
C LEU C 200 -27.54 12.55 -33.54
N PHE C 201 -26.35 12.54 -32.93
CA PHE C 201 -25.46 11.39 -33.00
C PHE C 201 -25.18 10.86 -31.62
N ALA C 202 -25.26 9.54 -31.46
CA ALA C 202 -24.91 8.88 -30.21
C ALA C 202 -23.41 8.64 -30.15
N VAL C 203 -22.84 8.87 -28.97
CA VAL C 203 -21.42 8.64 -28.73
C VAL C 203 -21.23 7.16 -28.46
N LEU C 204 -20.24 6.56 -29.10
CA LEU C 204 -19.95 5.14 -28.95
C LEU C 204 -18.59 4.93 -28.30
N ALA C 205 -18.24 3.66 -28.05
CA ALA C 205 -16.96 3.32 -27.44
C ALA C 205 -15.82 3.94 -28.24
N ARG D 16 28.43 1.55 31.88
N ARG D 16 28.31 1.65 32.12
CA ARG D 16 27.41 0.89 32.70
CA ARG D 16 27.18 1.02 32.79
C ARG D 16 26.40 0.15 31.84
C ARG D 16 26.34 0.17 31.84
N SER D 17 26.05 -1.05 32.27
CA SER D 17 25.18 -1.95 31.52
C SER D 17 23.70 -1.56 31.64
N SER D 18 22.89 -2.13 30.76
CA SER D 18 21.46 -1.88 30.76
C SER D 18 20.78 -2.49 32.00
N ILE D 19 21.33 -3.58 32.51
CA ILE D 19 20.87 -4.15 33.78
C ILE D 19 21.08 -3.15 34.91
N GLU D 20 22.25 -2.54 34.97
CA GLU D 20 22.54 -1.58 36.03
C GLU D 20 21.61 -0.37 35.95
N GLU D 21 21.32 0.10 34.75
CA GLU D 21 20.40 1.23 34.59
C GLU D 21 18.99 0.87 35.05
N LEU D 22 18.52 -0.32 34.66
CA LEU D 22 17.22 -0.80 35.08
C LEU D 22 17.16 -1.01 36.59
N ALA D 23 18.25 -1.51 37.15
CA ALA D 23 18.34 -1.74 38.59
C ALA D 23 18.19 -0.46 39.40
N ASP D 24 18.82 0.61 38.95
CA ASP D 24 18.72 1.90 39.62
C ASP D 24 17.31 2.48 39.45
N TRP D 25 16.77 2.35 38.25
CA TRP D 25 15.39 2.77 37.98
C TRP D 25 14.44 2.07 38.96
N ALA D 26 14.61 0.75 39.09
CA ALA D 26 13.70 -0.05 39.91
C ALA D 26 13.84 0.27 41.39
N GLU D 27 15.05 0.61 41.83
CA GLU D 27 15.28 1.01 43.22
C GLU D 27 14.52 2.29 43.55
N VAL D 28 14.53 3.23 42.61
CA VAL D 28 13.87 4.52 42.80
C VAL D 28 12.37 4.39 42.60
N GLU D 29 11.97 3.69 41.55
CA GLU D 29 10.56 3.59 41.15
C GLU D 29 9.78 2.62 42.03
N ARG D 30 10.41 1.51 42.42
CA ARG D 30 9.75 0.43 43.16
C ARG D 30 8.49 0.01 42.42
N PRO D 31 8.65 -0.55 41.21
CA PRO D 31 7.56 -0.87 40.28
C PRO D 31 6.72 -2.08 40.69
N ASP D 32 5.46 -2.09 40.27
CA ASP D 32 4.61 -3.26 40.43
C ASP D 32 5.16 -4.42 39.60
N LEU D 33 5.54 -5.49 40.27
CA LEU D 33 6.06 -6.68 39.58
C LEU D 33 4.93 -7.46 38.91
N ALA D 34 3.70 -7.26 39.39
CA ALA D 34 2.50 -7.78 38.74
C ALA D 34 2.43 -9.30 38.68
N ARG D 35 3.31 -9.96 39.40
CA ARG D 35 3.33 -11.42 39.48
C ARG D 35 3.67 -11.85 40.90
N VAL D 36 3.03 -12.92 41.36
CA VAL D 36 3.28 -13.48 42.69
C VAL D 36 3.15 -15.00 42.62
N THR D 37 3.98 -15.71 43.38
CA THR D 37 3.91 -17.17 43.43
C THR D 37 2.83 -17.62 44.41
N PRO D 38 2.36 -18.88 44.25
CA PRO D 38 1.35 -19.44 45.16
C PRO D 38 1.74 -19.36 46.64
N ASP D 39 3.03 -19.46 46.94
CA ASP D 39 3.48 -19.41 48.34
C ASP D 39 3.87 -17.99 48.77
N GLY D 40 3.45 -17.00 47.99
CA GLY D 40 3.58 -15.61 48.40
C GLY D 40 4.97 -15.02 48.20
N ARG D 41 5.61 -15.40 47.09
CA ARG D 41 6.93 -14.89 46.76
C ARG D 41 6.91 -14.29 45.36
N VAL D 42 8.01 -13.66 44.98
CA VAL D 42 8.13 -13.05 43.66
C VAL D 42 9.40 -13.58 43.00
N VAL D 43 9.34 -13.77 41.68
CA VAL D 43 10.46 -14.29 40.91
C VAL D 43 10.92 -13.20 39.95
N ILE D 44 12.18 -12.78 40.09
CA ILE D 44 12.69 -11.64 39.34
C ILE D 44 13.86 -12.07 38.44
N LEU D 45 13.74 -11.73 37.16
CA LEU D 45 14.75 -12.07 36.16
C LEU D 45 15.32 -10.80 35.54
N PHE D 46 16.64 -10.72 35.46
CA PHE D 46 17.31 -9.66 34.67
C PHE D 46 18.09 -10.28 33.52
N THR D 47 18.09 -9.58 32.39
CA THR D 47 18.89 -10.01 31.25
C THR D 47 19.33 -8.81 30.40
N ASP D 48 20.54 -8.89 29.87
CA ASP D 48 21.00 -7.93 28.87
C ASP D 48 21.97 -8.61 27.93
N ILE D 49 22.45 -7.87 26.93
CA ILE D 49 23.46 -8.40 26.01
C ILE D 49 24.84 -8.12 26.58
N GLU D 50 25.68 -9.16 26.56
CA GLU D 50 27.05 -9.08 27.07
C GLU D 50 27.90 -8.21 26.16
N GLU D 51 28.71 -7.34 26.75
CA GLU D 51 29.57 -6.44 25.99
C GLU D 51 28.74 -5.65 24.98
N SER D 52 27.57 -5.21 25.42
CA SER D 52 26.63 -4.48 24.57
C SER D 52 27.26 -3.23 23.98
N THR D 53 27.99 -2.50 24.81
CA THR D 53 28.69 -1.29 24.37
C THR D 53 29.72 -1.63 23.30
N ALA D 54 30.46 -2.70 23.53
CA ALA D 54 31.48 -3.15 22.59
C ALA D 54 30.84 -3.73 21.33
N LEU D 55 29.79 -4.54 21.53
CA LEU D 55 29.05 -5.13 20.42
C LEU D 55 28.49 -4.04 19.52
N ASN D 56 28.03 -2.96 20.13
CA ASN D 56 27.47 -1.82 19.41
C ASN D 56 28.55 -1.08 18.64
N GLU D 57 29.68 -0.83 19.30
CA GLU D 57 30.78 -0.09 18.69
C GLU D 57 31.32 -0.78 17.44
N ARG D 58 31.21 -2.10 17.40
CA ARG D 58 31.70 -2.89 16.28
C ARG D 58 30.81 -2.71 15.05
N ILE D 59 29.50 -2.87 15.24
CA ILE D 59 28.56 -2.83 14.13
C ILE D 59 27.91 -1.45 13.99
N ALA D 63 22.54 -0.42 12.45
CA ALA D 63 22.58 -1.88 12.53
C ALA D 63 22.29 -2.36 13.95
N TRP D 64 22.70 -1.57 14.93
CA TRP D 64 22.45 -1.90 16.33
C TRP D 64 20.97 -1.79 16.65
N VAL D 65 20.31 -0.80 16.06
CA VAL D 65 18.89 -0.58 16.27
C VAL D 65 18.07 -1.75 15.74
N LYS D 66 18.51 -2.31 14.61
CA LYS D 66 17.84 -3.46 14.02
C LYS D 66 18.02 -4.69 14.89
N LEU D 67 19.22 -4.85 15.45
CA LEU D 67 19.50 -5.95 16.37
C LEU D 67 18.64 -5.83 17.63
N ILE D 68 18.66 -4.65 18.24
CA ILE D 68 17.98 -4.42 19.51
C ILE D 68 16.47 -4.63 19.37
N SER D 69 15.92 -4.18 18.25
CA SER D 69 14.48 -4.32 17.99
C SER D 69 14.09 -5.77 17.77
N SER D 70 14.87 -6.50 16.98
CA SER D 70 14.62 -7.93 16.79
C SER D 70 14.73 -8.67 18.13
N HIS D 71 15.78 -8.36 18.88
CA HIS D 71 16.00 -8.97 20.19
C HIS D 71 14.82 -8.72 21.12
N ASP D 72 14.32 -7.49 21.12
CA ASP D 72 13.20 -7.09 21.96
C ASP D 72 11.94 -7.90 21.66
N LYS D 73 11.65 -8.11 20.39
CA LYS D 73 10.50 -8.94 20.01
C LYS D 73 10.70 -10.38 20.49
N LEU D 74 11.92 -10.89 20.34
CA LEU D 74 12.21 -12.28 20.71
C LEU D 74 12.01 -12.47 22.22
N VAL D 75 12.64 -11.61 23.01
CA VAL D 75 12.53 -11.71 24.46
C VAL D 75 11.09 -11.53 24.90
N SER D 76 10.41 -10.53 24.34
CA SER D 76 9.03 -10.25 24.70
C SER D 76 8.11 -11.44 24.42
N ASP D 77 8.28 -12.05 23.24
CA ASP D 77 7.50 -13.22 22.87
C ASP D 77 7.75 -14.39 23.84
N LEU D 78 9.00 -14.61 24.22
CA LEU D 78 9.35 -15.76 25.04
C LEU D 78 8.91 -15.56 26.49
N VAL D 79 8.96 -14.32 26.96
CA VAL D 79 8.47 -14.01 28.29
C VAL D 79 6.97 -14.28 28.36
N ARG D 80 6.25 -13.80 27.35
CA ARG D 80 4.80 -13.98 27.30
C ARG D 80 4.44 -15.46 27.29
N ARG D 81 5.30 -16.28 26.67
CA ARG D 81 5.04 -17.72 26.54
C ARG D 81 5.21 -18.44 27.87
N GLN D 82 5.93 -17.81 28.80
CA GLN D 82 6.07 -18.36 30.15
C GLN D 82 5.25 -17.55 31.16
N SER D 83 4.26 -16.83 30.64
CA SER D 83 3.33 -16.06 31.47
C SER D 83 4.04 -15.03 32.34
N GLY D 84 5.21 -14.57 31.90
CA GLY D 84 5.96 -13.56 32.62
C GLY D 84 5.53 -12.15 32.27
N HIS D 85 5.93 -11.21 33.13
CA HIS D 85 5.61 -9.80 32.94
C HIS D 85 6.90 -9.00 32.80
N VAL D 86 7.08 -8.35 31.66
CA VAL D 86 8.20 -7.43 31.49
C VAL D 86 7.89 -6.18 32.31
N VAL D 87 8.63 -6.01 33.40
CA VAL D 87 8.44 -4.89 34.29
C VAL D 87 8.90 -3.61 33.60
N LYS D 88 10.04 -3.72 32.94
CA LYS D 88 10.63 -2.63 32.21
C LYS D 88 11.73 -3.16 31.31
N SER D 89 11.92 -2.49 30.18
CA SER D 89 13.02 -2.79 29.28
C SER D 89 13.80 -1.51 29.02
N GLN D 90 15.08 -1.68 28.67
CA GLN D 90 15.93 -0.55 28.33
C GLN D 90 16.94 -1.02 27.30
N GLY D 91 16.58 -0.85 26.03
CA GLY D 91 17.39 -1.35 24.93
C GLY D 91 17.51 -2.86 24.96
N ASP D 92 18.72 -3.33 25.24
CA ASP D 92 19.00 -4.76 25.32
C ASP D 92 18.63 -5.33 26.69
N GLY D 93 18.38 -4.44 27.65
CA GLY D 93 18.12 -4.87 29.02
C GLY D 93 16.65 -5.10 29.28
N PHE D 94 16.36 -6.10 30.10
CA PHE D 94 15.00 -6.42 30.50
C PHE D 94 14.94 -6.79 31.98
N MET D 95 13.92 -6.26 32.67
CA MET D 95 13.58 -6.69 34.01
C MET D 95 12.23 -7.37 33.92
N VAL D 96 12.17 -8.62 34.37
CA VAL D 96 11.01 -9.47 34.15
C VAL D 96 10.61 -10.16 35.45
N ALA D 97 9.30 -10.29 35.65
CA ALA D 97 8.78 -10.98 36.84
C ALA D 97 7.91 -12.16 36.42
N PHE D 98 7.94 -13.21 37.25
CA PHE D 98 7.22 -14.45 37.01
C PHE D 98 6.49 -14.91 38.27
N ALA D 99 5.47 -15.75 38.08
CA ALA D 99 4.68 -16.29 39.18
C ALA D 99 5.14 -17.69 39.60
N ARG D 100 6.07 -18.27 38.85
CA ARG D 100 6.66 -19.55 39.22
C ARG D 100 8.13 -19.58 38.82
N PRO D 101 9.01 -20.08 39.72
CA PRO D 101 10.43 -20.10 39.37
C PRO D 101 10.74 -20.91 38.10
N GLU D 102 9.97 -21.94 37.81
CA GLU D 102 10.25 -22.77 36.65
C GLU D 102 9.99 -22.00 35.36
N GLN D 103 9.03 -21.08 35.41
CA GLN D 103 8.70 -20.26 34.26
C GLN D 103 9.87 -19.34 33.90
N ALA D 104 10.46 -18.70 34.92
CA ALA D 104 11.61 -17.84 34.72
C ALA D 104 12.75 -18.62 34.10
N VAL D 105 13.06 -19.78 34.67
CA VAL D 105 14.17 -20.59 34.18
C VAL D 105 13.90 -21.09 32.76
N ARG D 106 12.69 -21.56 32.51
CA ARG D 106 12.34 -22.04 31.18
C ARG D 106 12.43 -20.91 30.16
N CYS D 107 12.01 -19.72 30.56
CA CYS D 107 12.10 -18.55 29.69
C CYS D 107 13.57 -18.31 29.32
N GLY D 108 14.43 -18.37 30.33
CA GLY D 108 15.86 -18.23 30.13
C GLY D 108 16.43 -19.30 29.21
N ILE D 109 16.04 -20.55 29.41
CA ILE D 109 16.51 -21.65 28.58
C ILE D 109 16.10 -21.40 27.13
N GLU D 110 14.85 -21.03 26.91
CA GLU D 110 14.33 -20.85 25.57
C GLU D 110 15.03 -19.68 24.88
N LEU D 111 15.30 -18.62 25.63
CA LEU D 111 15.97 -17.45 25.06
C LEU D 111 17.37 -17.79 24.55
N GLN D 112 18.16 -18.46 25.37
CA GLN D 112 19.53 -18.79 24.97
C GLN D 112 19.55 -19.86 23.88
N ARG D 113 18.58 -20.77 23.90
CA ARG D 113 18.44 -21.73 22.81
C ARG D 113 18.19 -21.00 21.49
N ALA D 114 17.30 -20.01 21.53
CA ALA D 114 16.93 -19.27 20.33
C ALA D 114 18.10 -18.43 19.81
N LEU D 115 18.90 -17.90 20.74
CA LEU D 115 20.08 -17.13 20.37
C LEU D 115 21.16 -18.04 19.78
N ARG D 116 21.20 -19.29 20.24
CA ARG D 116 22.14 -20.27 19.71
C ARG D 116 21.78 -20.64 18.27
N ARG D 117 20.48 -20.82 18.02
CA ARG D 117 20.01 -21.22 16.71
C ARG D 117 20.12 -20.08 15.70
N ASN D 118 20.14 -18.85 16.21
CA ASN D 118 20.28 -17.67 15.36
C ASN D 118 21.74 -17.38 15.03
N ALA D 119 22.64 -17.77 15.92
CA ALA D 119 24.07 -17.49 15.76
C ALA D 119 24.68 -18.29 14.61
N GLU D 126 27.82 -14.22 17.25
CA GLU D 126 27.03 -14.84 18.31
C GLU D 126 26.66 -13.83 19.39
N ILE D 127 25.43 -13.34 19.34
CA ILE D 127 24.90 -12.49 20.39
C ILE D 127 24.76 -13.32 21.66
N ARG D 128 25.34 -12.83 22.75
CA ARG D 128 25.32 -13.54 24.04
C ARG D 128 24.62 -12.72 25.11
N VAL D 129 23.64 -13.31 25.78
CA VAL D 129 22.92 -12.61 26.82
C VAL D 129 23.30 -13.16 28.19
N ARG D 130 23.38 -12.26 29.16
CA ARG D 130 23.51 -12.63 30.57
C ARG D 130 22.11 -12.81 31.13
N ILE D 131 21.88 -13.87 31.91
CA ILE D 131 20.58 -14.03 32.55
C ILE D 131 20.77 -14.36 34.03
N GLY D 132 20.04 -13.64 34.87
CA GLY D 132 20.06 -13.85 36.31
C GLY D 132 18.67 -13.92 36.86
N ILE D 133 18.44 -14.84 37.79
CA ILE D 133 17.13 -15.04 38.38
C ILE D 133 17.26 -15.16 39.90
N HIS D 134 16.40 -14.43 40.61
CA HIS D 134 16.35 -14.47 42.07
C HIS D 134 14.88 -14.54 42.48
N MET D 135 14.61 -15.05 43.68
CA MET D 135 13.26 -14.99 44.21
C MET D 135 13.30 -14.66 45.69
N GLY D 136 12.23 -14.02 46.16
CA GLY D 136 12.17 -13.57 47.53
C GLY D 136 10.74 -13.30 47.93
N ARG D 137 10.54 -12.94 49.19
CA ARG D 137 9.22 -12.75 49.75
C ARG D 137 8.50 -11.59 49.06
N SER D 138 7.20 -11.80 48.81
CA SER D 138 6.34 -10.74 48.30
C SER D 138 5.98 -9.80 49.44
N VAL D 139 6.52 -8.58 49.39
CA VAL D 139 6.27 -7.58 50.43
C VAL D 139 5.86 -6.27 49.78
N ARG D 140 5.61 -5.26 50.62
CA ARG D 140 5.27 -3.92 50.13
C ARG D 140 6.42 -3.39 49.28
N ARG D 141 6.07 -2.65 48.23
CA ARG D 141 7.07 -2.21 47.25
C ARG D 141 8.05 -1.21 47.86
N GLY D 142 7.63 -0.54 48.93
CA GLY D 142 8.50 0.42 49.60
C GLY D 142 9.42 -0.22 50.63
N ASP D 143 9.25 -1.51 50.88
CA ASP D 143 10.02 -2.18 51.93
C ASP D 143 11.47 -2.34 51.51
N ASP D 144 12.36 -2.38 52.50
CA ASP D 144 13.78 -2.58 52.25
C ASP D 144 14.02 -3.91 51.57
N LEU D 145 13.29 -4.94 51.99
CA LEU D 145 13.48 -6.27 51.43
C LEU D 145 13.10 -6.32 49.95
N PHE D 146 12.09 -5.54 49.56
CA PHE D 146 11.71 -5.46 48.14
C PHE D 146 12.90 -4.94 47.34
N GLY D 147 13.48 -3.83 47.80
CA GLY D 147 14.66 -3.26 47.18
C GLY D 147 15.84 -4.22 47.11
N ARG D 148 16.06 -4.97 48.19
CA ARG D 148 17.16 -5.92 48.25
C ARG D 148 16.99 -7.02 47.21
N ASN D 149 15.77 -7.51 47.06
CA ASN D 149 15.55 -8.65 46.17
C ASN D 149 15.64 -8.25 44.70
N VAL D 150 15.26 -7.01 44.38
CA VAL D 150 15.47 -6.47 43.04
C VAL D 150 16.96 -6.27 42.79
N ALA D 151 17.65 -5.65 43.74
CA ALA D 151 19.08 -5.39 43.63
C ALA D 151 19.85 -6.71 43.50
N MET D 152 19.47 -7.68 44.32
CA MET D 152 20.08 -9.01 44.29
C MET D 152 19.95 -9.66 42.91
N ALA D 153 18.73 -9.70 42.39
CA ALA D 153 18.48 -10.29 41.07
C ALA D 153 19.37 -9.65 40.00
N ALA D 154 19.51 -8.33 40.07
CA ALA D 154 20.33 -7.62 39.08
C ALA D 154 21.81 -8.03 39.18
N ARG D 155 22.29 -8.24 40.41
N ARG D 155 22.33 -8.28 40.38
CA ARG D 155 23.67 -8.67 40.64
CA ARG D 155 23.73 -8.65 40.51
C ARG D 155 23.89 -10.06 40.09
C ARG D 155 23.97 -10.13 40.21
N VAL D 156 22.95 -10.95 40.39
CA VAL D 156 23.03 -12.34 39.94
C VAL D 156 23.16 -12.36 38.41
N ALA D 157 22.34 -11.55 37.73
CA ALA D 157 22.44 -11.45 36.26
C ALA D 157 23.79 -10.89 35.83
N ALA D 158 24.29 -9.91 36.57
CA ALA D 158 25.57 -9.29 36.21
C ALA D 158 26.71 -10.28 36.37
N GLN D 159 26.55 -11.24 37.26
CA GLN D 159 27.55 -12.29 37.47
C GLN D 159 27.57 -13.30 36.34
N ALA D 160 26.43 -13.50 35.68
CA ALA D 160 26.32 -14.49 34.63
C ALA D 160 27.18 -14.11 33.43
N ALA D 161 27.91 -15.10 32.89
CA ALA D 161 28.59 -14.93 31.61
C ALA D 161 27.56 -14.87 30.50
N GLY D 162 27.94 -14.27 29.37
CA GLY D 162 27.09 -14.34 28.20
C GLY D 162 26.91 -15.79 27.83
N GLY D 163 25.66 -16.22 27.70
CA GLY D 163 25.32 -17.59 27.36
C GLY D 163 24.97 -18.41 28.58
N GLU D 164 25.03 -17.77 29.74
CA GLU D 164 24.81 -18.45 31.02
C GLU D 164 23.54 -17.98 31.70
N ILE D 165 22.93 -18.87 32.48
CA ILE D 165 21.81 -18.54 33.36
C ILE D 165 22.22 -18.85 34.78
N LEU D 166 22.35 -17.83 35.61
CA LEU D 166 22.62 -18.02 37.04
C LEU D 166 21.36 -17.78 37.85
N VAL D 167 21.17 -18.59 38.89
CA VAL D 167 20.08 -18.37 39.81
C VAL D 167 20.62 -18.38 41.24
N SER D 168 19.88 -17.74 42.15
CA SER D 168 20.24 -17.70 43.55
C SER D 168 19.83 -19.00 44.25
N GLN D 169 20.24 -19.14 45.51
CA GLN D 169 19.96 -20.34 46.29
C GLN D 169 18.47 -20.68 46.38
N PRO D 170 17.61 -19.68 46.68
CA PRO D 170 16.18 -19.97 46.77
C PRO D 170 15.55 -20.50 45.47
N VAL D 171 16.00 -19.98 44.33
CA VAL D 171 15.50 -20.47 43.04
C VAL D 171 15.92 -21.92 42.86
N ARG D 172 17.20 -22.21 43.11
CA ARG D 172 17.71 -23.57 42.96
C ARG D 172 16.96 -24.54 43.88
N ASP D 173 16.72 -24.11 45.12
CA ASP D 173 16.03 -24.97 46.08
C ASP D 173 14.59 -25.24 45.67
N ALA D 174 13.92 -24.23 45.14
CA ALA D 174 12.53 -24.37 44.76
C ALA D 174 12.38 -25.28 43.55
N LEU D 175 13.49 -25.47 42.83
CA LEU D 175 13.50 -26.30 41.63
C LEU D 175 14.39 -27.54 41.84
N GLY D 180 12.74 -31.18 34.76
CA GLY D 180 13.60 -31.23 33.60
C GLY D 180 14.77 -30.25 33.69
N ILE D 181 14.91 -29.59 34.84
CA ILE D 181 15.93 -28.57 35.02
C ILE D 181 17.03 -29.07 35.96
N ARG D 182 18.28 -28.97 35.51
CA ARG D 182 19.43 -29.37 36.31
C ARG D 182 20.39 -28.21 36.53
N PHE D 183 21.08 -28.23 37.66
CA PHE D 183 22.03 -27.18 38.03
C PHE D 183 23.42 -27.74 38.26
N ASP D 184 24.43 -26.88 38.19
CA ASP D 184 25.77 -27.27 38.62
C ASP D 184 25.79 -27.32 40.15
N ASP D 185 26.96 -27.52 40.74
CA ASP D 185 27.07 -27.68 42.18
C ASP D 185 27.23 -26.33 42.90
N GLY D 186 26.99 -25.26 42.16
CA GLY D 186 27.03 -23.92 42.74
C GLY D 186 28.41 -23.30 42.79
N ARG D 187 28.44 -22.02 43.09
CA ARG D 187 29.68 -21.26 43.22
C ARG D 187 29.49 -20.24 44.33
N GLU D 188 30.56 -19.94 45.07
CA GLU D 188 30.51 -18.90 46.09
C GLU D 188 31.14 -17.63 45.54
N VAL D 189 30.34 -16.57 45.45
CA VAL D 189 30.80 -15.32 44.88
C VAL D 189 30.38 -14.11 45.70
N GLU D 190 31.17 -13.04 45.59
CA GLU D 190 30.82 -11.75 46.15
C GLU D 190 30.08 -10.93 45.10
N LEU D 191 29.00 -10.29 45.52
CA LEU D 191 28.17 -9.48 44.62
C LEU D 191 28.45 -8.01 44.88
N LYS D 192 28.68 -7.25 43.81
CA LYS D 192 28.96 -5.82 43.91
C LYS D 192 27.88 -5.13 44.73
N GLY D 193 28.29 -4.44 45.79
CA GLY D 193 27.37 -3.72 46.64
C GLY D 193 26.86 -4.52 47.83
N PHE D 194 27.07 -5.83 47.79
CA PHE D 194 26.62 -6.73 48.85
C PHE D 194 27.82 -7.19 49.68
N SER D 195 27.65 -7.26 51.00
CA SER D 195 28.67 -7.87 51.85
C SER D 195 28.43 -9.38 51.90
N GLY D 196 29.47 -10.14 52.24
CA GLY D 196 29.35 -11.58 52.38
C GLY D 196 29.48 -12.29 51.04
N THR D 197 29.29 -13.59 51.07
CA THR D 197 29.36 -14.41 49.86
C THR D 197 28.04 -15.09 49.65
N TYR D 198 27.69 -15.30 48.38
CA TYR D 198 26.41 -15.89 48.01
C TYR D 198 26.62 -17.06 47.07
N ARG D 199 25.75 -18.05 47.18
CA ARG D 199 25.85 -19.26 46.39
C ARG D 199 24.92 -19.14 45.19
N LEU D 200 25.51 -19.14 44.00
CA LEU D 200 24.75 -19.04 42.76
C LEU D 200 24.89 -20.34 41.98
N PHE D 201 23.84 -20.71 41.26
CA PHE D 201 23.82 -21.97 40.52
C PHE D 201 23.55 -21.71 39.05
N ALA D 202 24.34 -22.32 38.18
CA ALA D 202 24.14 -22.21 36.76
C ALA D 202 23.20 -23.31 36.29
N VAL D 203 22.30 -22.99 35.38
CA VAL D 203 21.47 -23.99 34.74
C VAL D 203 22.34 -24.72 33.73
N LEU D 204 22.35 -26.05 33.80
CA LEU D 204 23.16 -26.86 32.89
C LEU D 204 22.50 -26.97 31.53
N VAL E 15 26.41 -32.23 -47.35
CA VAL E 15 26.44 -30.83 -47.76
C VAL E 15 26.42 -29.92 -46.51
N ARG E 16 27.59 -29.43 -46.15
CA ARG E 16 27.75 -28.70 -44.90
C ARG E 16 27.49 -27.20 -45.02
N SER E 17 26.83 -26.64 -44.01
CA SER E 17 26.71 -25.20 -43.90
C SER E 17 28.07 -24.58 -43.58
N SER E 18 28.16 -23.26 -43.70
CA SER E 18 29.40 -22.57 -43.35
C SER E 18 29.70 -22.70 -41.86
N ILE E 19 28.66 -22.71 -41.02
CA ILE E 19 28.85 -22.90 -39.59
C ILE E 19 29.49 -24.26 -39.33
N GLU E 20 29.00 -25.28 -40.03
CA GLU E 20 29.54 -26.63 -39.87
C GLU E 20 30.99 -26.72 -40.35
N GLU E 21 31.29 -26.06 -41.46
CA GLU E 21 32.65 -25.99 -41.97
C GLU E 21 33.57 -25.39 -40.92
N LEU E 22 33.13 -24.30 -40.30
CA LEU E 22 33.90 -23.65 -39.24
C LEU E 22 34.02 -24.53 -38.00
N ALA E 23 32.92 -25.18 -37.63
CA ALA E 23 32.90 -26.04 -36.46
C ALA E 23 33.87 -27.22 -36.62
N ASP E 24 33.83 -27.85 -37.79
CA ASP E 24 34.67 -28.99 -38.09
C ASP E 24 36.13 -28.55 -38.07
N TRP E 25 36.40 -27.35 -38.59
CA TRP E 25 37.75 -26.80 -38.55
C TRP E 25 38.21 -26.59 -37.11
N ALA E 26 37.35 -25.99 -36.30
CA ALA E 26 37.72 -25.60 -34.94
C ALA E 26 37.97 -26.82 -34.06
N GLU E 27 37.24 -27.90 -34.30
CA GLU E 27 37.39 -29.12 -33.50
C GLU E 27 38.80 -29.68 -33.66
N VAL E 28 39.38 -29.48 -34.84
CA VAL E 28 40.72 -29.96 -35.14
C VAL E 28 41.78 -28.91 -34.79
N GLU E 29 41.50 -27.65 -35.13
CA GLU E 29 42.48 -26.57 -34.94
C GLU E 29 42.71 -26.20 -33.47
N ARG E 30 41.66 -26.22 -32.67
CA ARG E 30 41.73 -25.83 -31.26
C ARG E 30 42.24 -24.39 -31.11
N PRO E 31 41.52 -23.42 -31.71
CA PRO E 31 41.98 -22.04 -31.65
C PRO E 31 41.99 -21.55 -30.21
N ASP E 32 43.06 -20.89 -29.79
CA ASP E 32 43.21 -20.44 -28.41
C ASP E 32 42.22 -19.34 -28.07
N LEU E 33 41.19 -19.69 -27.30
CA LEU E 33 40.16 -18.74 -26.90
C LEU E 33 40.36 -18.29 -25.46
N ALA E 34 41.63 -18.22 -25.04
CA ALA E 34 41.96 -17.75 -23.70
C ALA E 34 42.79 -16.47 -23.79
N ARG E 41 34.76 -17.79 -18.38
CA ARG E 41 34.55 -18.73 -19.48
C ARG E 41 34.13 -17.99 -20.75
N VAL E 42 34.79 -18.32 -21.86
CA VAL E 42 34.61 -17.63 -23.12
C VAL E 42 33.22 -17.82 -23.73
N VAL E 43 32.73 -16.79 -24.42
CA VAL E 43 31.43 -16.83 -25.08
C VAL E 43 31.61 -16.93 -26.59
N ILE E 44 31.02 -17.97 -27.18
CA ILE E 44 31.19 -18.27 -28.58
C ILE E 44 29.88 -18.03 -29.34
N LEU E 45 29.99 -17.28 -30.43
CA LEU E 45 28.85 -17.00 -31.30
C LEU E 45 29.13 -17.54 -32.69
N PHE E 46 28.19 -18.31 -33.23
CA PHE E 46 28.23 -18.71 -34.64
C PHE E 46 27.08 -18.04 -35.39
N THR E 47 27.35 -17.64 -36.62
CA THR E 47 26.32 -17.09 -37.48
C THR E 47 26.61 -17.39 -38.94
N ASP E 48 25.57 -17.62 -39.71
CA ASP E 48 25.68 -17.75 -41.16
C ASP E 48 24.37 -17.34 -41.81
N ILE E 49 24.34 -17.33 -43.14
CA ILE E 49 23.13 -16.95 -43.85
C ILE E 49 22.27 -18.18 -44.08
N GLU E 50 21.00 -18.07 -43.71
CA GLU E 50 20.03 -19.14 -43.88
C GLU E 50 19.89 -19.51 -45.36
N GLU E 51 19.99 -20.80 -45.65
CA GLU E 51 19.83 -21.31 -47.01
C GLU E 51 20.79 -20.61 -47.97
N SER E 52 22.04 -20.48 -47.53
CA SER E 52 23.07 -19.78 -48.30
C SER E 52 23.33 -20.45 -49.65
N THR E 53 23.33 -21.77 -49.67
CA THR E 53 23.63 -22.52 -50.88
C THR E 53 22.57 -22.24 -51.96
N ALA E 54 21.31 -22.24 -51.54
CA ALA E 54 20.21 -21.96 -52.45
C ALA E 54 20.31 -20.54 -53.01
N LEU E 55 20.63 -19.59 -52.12
CA LEU E 55 20.77 -18.19 -52.52
C LEU E 55 21.95 -18.01 -53.47
N ASN E 56 23.05 -18.72 -53.18
CA ASN E 56 24.22 -18.70 -54.04
C ASN E 56 23.89 -19.20 -55.44
N GLU E 57 23.24 -20.36 -55.51
CA GLU E 57 22.87 -20.96 -56.78
C GLU E 57 21.96 -20.04 -57.60
N ARG E 58 21.06 -19.35 -56.92
CA ARG E 58 20.12 -18.45 -57.60
C ARG E 58 20.81 -17.15 -58.02
N ILE E 59 21.53 -16.54 -57.09
CA ILE E 59 22.21 -15.27 -57.35
C ILE E 59 23.58 -15.50 -57.99
N ASP E 61 27.25 -16.57 -58.32
CA ASP E 61 28.70 -16.69 -58.22
C ASP E 61 29.35 -15.33 -58.10
N ARG E 62 29.32 -14.56 -59.18
CA ARG E 62 29.91 -13.23 -59.19
C ARG E 62 29.25 -12.32 -58.17
N ALA E 63 27.92 -12.40 -58.10
CA ALA E 63 27.17 -11.59 -57.16
C ALA E 63 27.38 -12.11 -55.73
N TRP E 64 27.48 -13.43 -55.59
CA TRP E 64 27.69 -14.03 -54.29
C TRP E 64 28.98 -13.51 -53.64
N VAL E 65 30.04 -13.41 -54.45
CA VAL E 65 31.31 -12.88 -53.98
C VAL E 65 31.12 -11.46 -53.44
N LYS E 66 30.26 -10.70 -54.11
CA LYS E 66 29.99 -9.32 -53.70
C LYS E 66 29.20 -9.26 -52.40
N LEU E 67 28.12 -10.04 -52.33
CA LEU E 67 27.26 -10.06 -51.15
C LEU E 67 28.05 -10.42 -49.90
N ILE E 68 28.84 -11.49 -50.00
CA ILE E 68 29.70 -11.95 -48.92
C ILE E 68 30.65 -10.86 -48.42
N SER E 69 31.19 -10.07 -49.35
CA SER E 69 32.13 -9.02 -49.00
C SER E 69 31.49 -7.91 -48.17
N SER E 70 30.30 -7.48 -48.57
CA SER E 70 29.58 -6.45 -47.84
C SER E 70 28.99 -7.03 -46.54
N HIS E 71 28.59 -8.29 -46.59
CA HIS E 71 28.11 -8.95 -45.38
C HIS E 71 29.25 -9.10 -44.39
N ASP E 72 30.44 -9.43 -44.90
CA ASP E 72 31.63 -9.54 -44.07
C ASP E 72 31.95 -8.22 -43.38
N LYS E 73 31.83 -7.12 -44.13
CA LYS E 73 32.10 -5.80 -43.59
C LYS E 73 31.12 -5.47 -42.47
N LEU E 74 29.85 -5.77 -42.69
CA LEU E 74 28.80 -5.50 -41.71
C LEU E 74 29.06 -6.25 -40.40
N VAL E 75 29.29 -7.56 -40.52
CA VAL E 75 29.51 -8.39 -39.35
C VAL E 75 30.73 -7.92 -38.56
N SER E 76 31.84 -7.71 -39.29
CA SER E 76 33.09 -7.30 -38.66
C SER E 76 32.94 -6.00 -37.89
N ASP E 77 32.19 -5.05 -38.45
CA ASP E 77 31.95 -3.78 -37.80
C ASP E 77 31.17 -3.96 -36.50
N LEU E 78 30.09 -4.72 -36.56
CA LEU E 78 29.22 -4.90 -35.39
C LEU E 78 29.92 -5.73 -34.32
N VAL E 79 30.70 -6.72 -34.75
CA VAL E 79 31.52 -7.47 -33.81
C VAL E 79 32.47 -6.51 -33.11
N ARG E 80 33.14 -5.67 -33.90
CA ARG E 80 34.06 -4.67 -33.37
C ARG E 80 33.36 -3.76 -32.36
N ARG E 81 32.15 -3.33 -32.70
CA ARG E 81 31.37 -2.46 -31.84
C ARG E 81 31.18 -3.06 -30.44
N GLN E 82 31.05 -4.38 -30.37
CA GLN E 82 30.84 -5.08 -29.11
C GLN E 82 32.12 -5.74 -28.59
N SER E 83 33.26 -5.24 -29.03
CA SER E 83 34.56 -5.69 -28.54
C SER E 83 34.80 -7.19 -28.72
N GLY E 84 34.17 -7.79 -29.71
CA GLY E 84 34.35 -9.20 -29.99
C GLY E 84 35.53 -9.45 -30.91
N HIS E 85 35.92 -10.71 -31.04
CA HIS E 85 37.01 -11.09 -31.93
C HIS E 85 36.54 -12.18 -32.90
N VAL E 86 36.64 -11.88 -34.19
CA VAL E 86 36.29 -12.87 -35.22
C VAL E 86 37.39 -13.92 -35.27
N VAL E 87 37.08 -15.11 -34.79
CA VAL E 87 38.06 -16.19 -34.73
C VAL E 87 38.38 -16.71 -36.12
N LYS E 88 37.32 -16.93 -36.88
CA LYS E 88 37.46 -17.42 -38.25
C LYS E 88 36.16 -17.14 -38.99
N SER E 89 36.30 -16.80 -40.27
CA SER E 89 35.15 -16.64 -41.15
C SER E 89 35.33 -17.55 -42.36
N GLN E 90 34.20 -18.02 -42.89
CA GLN E 90 34.18 -18.85 -44.08
C GLN E 90 32.96 -18.44 -44.89
N GLY E 91 33.16 -17.52 -45.83
CA GLY E 91 32.07 -16.98 -46.63
C GLY E 91 31.05 -16.25 -45.79
N ASP E 92 29.83 -16.77 -45.76
CA ASP E 92 28.74 -16.18 -44.98
C ASP E 92 28.86 -16.53 -43.50
N GLY E 93 29.70 -17.51 -43.19
CA GLY E 93 29.80 -18.04 -41.84
C GLY E 93 30.86 -17.36 -40.99
N PHE E 94 30.52 -17.13 -39.72
CA PHE E 94 31.44 -16.50 -38.77
C PHE E 94 31.42 -17.20 -37.43
N MET E 95 32.63 -17.42 -36.90
CA MET E 95 32.83 -17.86 -35.52
C MET E 95 33.46 -16.69 -34.78
N VAL E 96 32.77 -16.24 -33.75
CA VAL E 96 33.15 -15.02 -33.04
C VAL E 96 33.23 -15.30 -31.54
N ALA E 97 34.21 -14.71 -30.89
CA ALA E 97 34.41 -14.88 -29.45
C ALA E 97 34.23 -13.56 -28.72
N PHE E 98 33.58 -13.62 -27.56
CA PHE E 98 33.35 -12.45 -26.71
C PHE E 98 33.74 -12.77 -25.27
N ALA E 99 34.18 -11.74 -24.54
CA ALA E 99 34.55 -11.90 -23.15
C ALA E 99 33.33 -12.00 -22.23
N ARG E 100 32.21 -11.43 -22.65
CA ARG E 100 30.99 -11.39 -21.83
C ARG E 100 29.74 -11.74 -22.62
N PRO E 101 28.81 -12.51 -22.01
CA PRO E 101 27.56 -12.86 -22.70
C PRO E 101 26.79 -11.66 -23.23
N GLU E 102 26.81 -10.54 -22.49
CA GLU E 102 26.08 -9.34 -22.88
C GLU E 102 26.51 -8.85 -24.25
N GLN E 103 27.82 -8.77 -24.45
CA GLN E 103 28.39 -8.29 -25.70
C GLN E 103 27.98 -9.16 -26.87
N ALA E 104 28.02 -10.47 -26.67
CA ALA E 104 27.67 -11.42 -27.72
C ALA E 104 26.21 -11.24 -28.12
N VAL E 105 25.32 -11.18 -27.14
CA VAL E 105 23.90 -11.04 -27.42
C VAL E 105 23.61 -9.68 -28.09
N ARG E 106 24.23 -8.62 -27.59
CA ARG E 106 24.01 -7.29 -28.17
C ARG E 106 24.47 -7.25 -29.63
N CYS E 107 25.62 -7.85 -29.90
CA CYS E 107 26.11 -7.96 -31.28
C CYS E 107 25.07 -8.65 -32.16
N GLY E 108 24.60 -9.80 -31.71
CA GLY E 108 23.55 -10.53 -32.42
C GLY E 108 22.32 -9.67 -32.64
N ILE E 109 21.92 -8.94 -31.59
CA ILE E 109 20.77 -8.06 -31.67
C ILE E 109 20.99 -6.98 -32.73
N GLU E 110 22.15 -6.34 -32.69
CA GLU E 110 22.47 -5.27 -33.63
C GLU E 110 22.57 -5.79 -35.07
N LEU E 111 23.01 -7.02 -35.22
CA LEU E 111 23.17 -7.61 -36.55
C LEU E 111 21.81 -7.91 -37.17
N GLN E 112 20.90 -8.46 -36.37
CA GLN E 112 19.57 -8.80 -36.88
C GLN E 112 18.82 -7.53 -37.29
N ARG E 113 19.03 -6.46 -36.53
CA ARG E 113 18.37 -5.19 -36.81
C ARG E 113 18.93 -4.56 -38.08
N ALA E 114 20.25 -4.59 -38.22
CA ALA E 114 20.92 -4.07 -39.42
C ALA E 114 20.43 -4.78 -40.67
N LEU E 115 20.34 -6.11 -40.62
CA LEU E 115 19.86 -6.88 -41.77
C LEU E 115 18.40 -6.55 -42.10
N ARG E 116 17.59 -6.33 -41.06
CA ARG E 116 16.19 -6.01 -41.25
C ARG E 116 16.01 -4.64 -41.91
N ARG E 117 16.96 -3.73 -41.66
CA ARG E 117 16.90 -2.40 -42.24
C ARG E 117 17.20 -2.43 -43.74
N ASN E 118 18.17 -3.26 -44.12
CA ASN E 118 18.57 -3.35 -45.53
C ASN E 118 17.48 -4.03 -46.37
N ILE E 127 18.42 -10.75 -46.85
CA ILE E 127 19.35 -11.67 -46.18
C ILE E 127 18.93 -11.93 -44.73
N ARG E 128 18.76 -13.21 -44.41
CA ARG E 128 18.46 -13.66 -43.05
C ARG E 128 19.62 -14.46 -42.51
N VAL E 129 20.02 -14.21 -41.26
CA VAL E 129 21.08 -14.99 -40.63
C VAL E 129 20.59 -15.78 -39.42
N ARG E 130 21.20 -16.94 -39.23
CA ARG E 130 21.04 -17.73 -38.02
C ARG E 130 22.08 -17.28 -37.02
N ILE E 131 21.73 -17.17 -35.74
CA ILE E 131 22.71 -16.83 -34.71
C ILE E 131 22.52 -17.71 -33.49
N GLY E 132 23.62 -18.36 -33.08
CA GLY E 132 23.63 -19.17 -31.87
C GLY E 132 24.79 -18.75 -30.98
N ILE E 133 24.54 -18.74 -29.67
CA ILE E 133 25.52 -18.29 -28.68
C ILE E 133 25.57 -19.30 -27.53
N HIS E 134 26.78 -19.65 -27.12
CA HIS E 134 26.98 -20.60 -26.04
C HIS E 134 28.18 -20.20 -25.19
N MET E 135 28.10 -20.55 -23.92
CA MET E 135 29.15 -20.31 -22.95
C MET E 135 29.36 -21.60 -22.18
N GLY E 136 30.61 -21.99 -22.00
CA GLY E 136 30.92 -23.25 -21.36
C GLY E 136 30.56 -23.27 -19.89
N ARG E 137 30.26 -24.46 -19.39
CA ARG E 137 30.11 -24.71 -17.96
C ARG E 137 31.01 -25.90 -17.64
N SER E 138 31.55 -25.93 -16.42
CA SER E 138 32.50 -26.98 -16.06
C SER E 138 31.82 -28.35 -16.05
N VAL E 139 32.43 -29.30 -16.75
CA VAL E 139 31.93 -30.66 -16.81
C VAL E 139 33.05 -31.68 -16.60
N ARG E 140 32.68 -32.86 -16.14
CA ARG E 140 33.65 -33.92 -15.90
C ARG E 140 34.28 -34.38 -17.20
N ARG E 141 35.53 -34.81 -17.14
CA ARG E 141 36.14 -35.51 -18.27
C ARG E 141 35.24 -36.69 -18.61
N GLY E 142 35.05 -36.93 -19.89
CA GLY E 142 34.19 -38.01 -20.33
C GLY E 142 32.83 -37.51 -20.77
N ASP E 143 32.46 -36.32 -20.31
CA ASP E 143 31.19 -35.71 -20.71
C ASP E 143 31.29 -35.21 -22.15
N ASP E 144 30.18 -35.29 -22.88
CA ASP E 144 30.14 -34.95 -24.30
C ASP E 144 30.57 -33.51 -24.57
N LEU E 145 30.35 -32.62 -23.60
CA LEU E 145 30.68 -31.21 -23.77
C LEU E 145 32.14 -30.88 -23.46
N PHE E 146 32.85 -31.80 -22.82
CA PHE E 146 34.21 -31.52 -22.37
C PHE E 146 35.15 -31.21 -23.55
N GLY E 147 35.65 -29.98 -23.58
CA GLY E 147 36.49 -29.51 -24.66
C GLY E 147 35.75 -29.30 -25.96
N ARG E 148 34.41 -29.28 -25.90
CA ARG E 148 33.58 -29.20 -27.10
C ARG E 148 32.53 -28.09 -27.00
N ASN E 149 32.88 -26.99 -26.32
CA ASN E 149 32.01 -25.82 -26.27
C ASN E 149 31.82 -25.17 -27.64
N VAL E 150 32.86 -25.21 -28.47
CA VAL E 150 32.73 -24.64 -29.80
C VAL E 150 31.72 -25.47 -30.58
N ALA E 151 31.87 -26.80 -30.51
CA ALA E 151 30.94 -27.70 -31.19
C ALA E 151 29.50 -27.44 -30.73
N MET E 152 29.32 -27.23 -29.43
CA MET E 152 28.00 -26.94 -28.86
C MET E 152 27.42 -25.64 -29.40
N ALA E 153 28.24 -24.58 -29.42
CA ALA E 153 27.83 -23.29 -29.94
C ALA E 153 27.35 -23.42 -31.38
N ALA E 154 28.07 -24.22 -32.16
CA ALA E 154 27.73 -24.43 -33.55
C ALA E 154 26.36 -25.09 -33.69
N ARG E 155 26.04 -26.02 -32.78
CA ARG E 155 24.77 -26.74 -32.86
C ARG E 155 23.63 -25.84 -32.40
N VAL E 156 23.91 -24.94 -31.46
CA VAL E 156 22.91 -23.97 -31.04
C VAL E 156 22.55 -23.10 -32.23
N ALA E 157 23.57 -22.68 -32.97
CA ALA E 157 23.37 -21.84 -34.15
C ALA E 157 22.56 -22.55 -35.22
N ALA E 158 22.86 -23.81 -35.45
CA ALA E 158 22.15 -24.61 -36.46
C ALA E 158 20.67 -24.81 -36.07
N GLN E 159 20.36 -24.69 -34.79
CA GLN E 159 18.98 -24.81 -34.33
C GLN E 159 18.20 -23.52 -34.55
N ALA E 160 18.92 -22.42 -34.75
CA ALA E 160 18.27 -21.11 -34.86
C ALA E 160 17.64 -20.94 -36.24
N ALA E 161 16.46 -20.34 -36.27
CA ALA E 161 15.81 -19.98 -37.52
C ALA E 161 16.49 -18.73 -38.05
N GLY E 162 16.31 -18.46 -39.34
CA GLY E 162 16.76 -17.20 -39.90
C GLY E 162 16.07 -16.05 -39.18
N GLY E 163 16.85 -15.07 -38.75
CA GLY E 163 16.30 -13.93 -38.04
C GLY E 163 16.16 -14.18 -36.54
N GLU E 164 16.61 -15.34 -36.09
CA GLU E 164 16.51 -15.71 -34.68
C GLU E 164 17.86 -15.68 -33.99
N ILE E 165 17.87 -15.38 -32.70
CA ILE E 165 19.07 -15.50 -31.86
C ILE E 165 18.78 -16.50 -30.75
N LEU E 166 19.50 -17.63 -30.79
CA LEU E 166 19.34 -18.68 -29.81
C LEU E 166 20.54 -18.71 -28.88
N VAL E 167 20.30 -18.94 -27.59
CA VAL E 167 21.38 -19.07 -26.62
C VAL E 167 21.18 -20.31 -25.76
N SER E 168 22.29 -20.89 -25.30
CA SER E 168 22.26 -22.04 -24.42
C SER E 168 21.90 -21.64 -22.99
N GLN E 169 21.72 -22.63 -22.12
CA GLN E 169 21.29 -22.39 -20.74
C GLN E 169 22.29 -21.53 -19.93
N PRO E 170 23.60 -21.80 -20.06
CA PRO E 170 24.54 -20.96 -19.31
C PRO E 170 24.51 -19.48 -19.71
N VAL E 171 24.31 -19.20 -20.99
CA VAL E 171 24.18 -17.82 -21.44
C VAL E 171 22.92 -17.19 -20.83
N ARG E 172 21.80 -17.90 -20.95
CA ARG E 172 20.54 -17.47 -20.37
C ARG E 172 20.67 -17.14 -18.89
N ASP E 173 21.28 -18.05 -18.14
CA ASP E 173 21.41 -17.88 -16.70
C ASP E 173 22.32 -16.70 -16.35
N ALA E 174 23.29 -16.42 -17.22
CA ALA E 174 24.25 -15.36 -16.97
C ALA E 174 23.64 -13.98 -17.19
N LEU E 175 22.58 -13.91 -18.00
CA LEU E 175 21.95 -12.65 -18.35
C LEU E 175 20.60 -12.47 -17.64
N SER E 176 20.50 -13.01 -16.43
CA SER E 176 19.25 -12.95 -15.67
C SER E 176 19.16 -11.66 -14.86
N GLY E 180 19.00 -6.26 -19.53
CA GLY E 180 18.20 -5.33 -20.33
C GLY E 180 17.61 -5.99 -21.57
N ILE E 181 17.81 -7.29 -21.70
CA ILE E 181 17.26 -8.07 -22.80
C ILE E 181 16.46 -9.26 -22.26
N ARG E 182 15.50 -9.73 -23.03
CA ARG E 182 14.58 -10.77 -22.56
C ARG E 182 14.62 -12.03 -23.41
N PHE E 183 14.24 -13.15 -22.80
CA PHE E 183 14.23 -14.45 -23.47
C PHE E 183 12.86 -15.08 -23.42
N ASP E 184 12.61 -16.06 -24.28
CA ASP E 184 11.37 -16.82 -24.21
C ASP E 184 11.51 -17.96 -23.20
N ASP E 185 10.56 -18.88 -23.19
CA ASP E 185 10.54 -19.96 -22.21
C ASP E 185 11.48 -21.10 -22.59
N GLY E 186 12.16 -20.95 -23.72
CA GLY E 186 13.12 -21.94 -24.18
C GLY E 186 12.47 -23.17 -24.76
N ARG E 187 13.24 -23.91 -25.57
CA ARG E 187 12.75 -25.16 -26.15
C ARG E 187 13.78 -26.27 -26.01
N GLU E 188 13.29 -27.45 -25.65
CA GLU E 188 14.15 -28.61 -25.46
C GLU E 188 14.44 -29.29 -26.79
N VAL E 189 15.71 -29.59 -27.03
N VAL E 189 15.71 -29.58 -27.04
CA VAL E 189 16.14 -30.18 -28.29
CA VAL E 189 16.15 -30.18 -28.28
C VAL E 189 17.26 -31.19 -28.07
C VAL E 189 17.26 -31.20 -28.05
N GLU E 190 17.41 -32.11 -29.01
CA GLU E 190 18.55 -33.03 -29.03
C GLU E 190 19.53 -32.55 -30.08
N LEU E 191 20.79 -32.38 -29.70
CA LEU E 191 21.79 -31.83 -30.61
C LEU E 191 22.71 -32.91 -31.14
N LYS E 192 23.07 -32.79 -32.41
CA LYS E 192 23.96 -33.75 -33.06
C LYS E 192 25.34 -33.70 -32.43
N GLY E 193 25.85 -34.86 -32.01
CA GLY E 193 27.16 -34.96 -31.40
C GLY E 193 27.11 -34.84 -29.89
N PHE E 194 25.89 -34.78 -29.34
CA PHE E 194 25.68 -34.69 -27.90
C PHE E 194 24.53 -35.58 -27.46
N SER E 195 24.70 -36.23 -26.31
CA SER E 195 23.67 -37.08 -25.75
C SER E 195 22.85 -36.30 -24.72
N GLY E 196 21.62 -36.75 -24.47
CA GLY E 196 20.74 -36.07 -23.54
C GLY E 196 20.07 -34.87 -24.16
N THR E 197 19.52 -33.99 -23.32
CA THR E 197 18.65 -32.92 -23.77
C THR E 197 19.17 -31.55 -23.36
N TYR E 198 18.93 -30.57 -24.24
CA TYR E 198 19.35 -29.19 -24.00
C TYR E 198 18.21 -28.23 -24.24
N ARG E 199 18.10 -27.23 -23.36
CA ARG E 199 17.10 -26.19 -23.49
C ARG E 199 17.76 -24.97 -24.11
N LEU E 200 17.18 -24.50 -25.21
CA LEU E 200 17.71 -23.35 -25.93
C LEU E 200 16.71 -22.21 -25.87
N PHE E 201 17.21 -21.00 -25.65
CA PHE E 201 16.37 -19.83 -25.44
C PHE E 201 16.56 -18.81 -26.55
N ALA E 202 15.45 -18.33 -27.10
CA ALA E 202 15.49 -17.28 -28.11
C ALA E 202 15.49 -15.91 -27.44
N VAL E 203 16.23 -14.98 -28.03
CA VAL E 203 16.17 -13.57 -27.64
C VAL E 203 14.90 -12.94 -28.20
N LEU E 204 14.30 -12.02 -27.45
CA LEU E 204 13.09 -11.34 -27.89
C LEU E 204 13.37 -9.89 -28.26
N ARG F 16 12.67 20.77 11.23
CA ARG F 16 12.83 19.91 10.06
C ARG F 16 12.21 18.55 10.33
N SER F 17 11.21 18.22 9.52
CA SER F 17 10.56 16.93 9.61
C SER F 17 11.39 15.88 8.87
N SER F 18 11.04 14.61 9.07
CA SER F 18 11.72 13.53 8.37
C SER F 18 11.39 13.54 6.88
N ILE F 19 10.23 14.08 6.52
CA ILE F 19 9.85 14.22 5.12
C ILE F 19 10.78 15.21 4.42
N GLU F 20 11.08 16.32 5.08
CA GLU F 20 11.98 17.30 4.51
C GLU F 20 13.41 16.77 4.40
N GLU F 21 13.82 15.97 5.38
CA GLU F 21 15.14 15.35 5.35
C GLU F 21 15.24 14.39 4.15
N LEU F 22 14.22 13.57 3.95
CA LEU F 22 14.19 12.67 2.80
C LEU F 22 14.16 13.43 1.46
N ALA F 23 13.44 14.54 1.42
CA ALA F 23 13.34 15.34 0.19
C ALA F 23 14.69 15.93 -0.20
N ASP F 24 15.41 16.44 0.79
CA ASP F 24 16.73 17.02 0.58
C ASP F 24 17.73 15.95 0.17
N TRP F 25 17.58 14.75 0.71
CA TRP F 25 18.40 13.62 0.30
C TRP F 25 18.09 13.25 -1.14
N ALA F 26 16.80 13.20 -1.48
CA ALA F 26 16.37 12.80 -2.82
C ALA F 26 16.84 13.78 -3.90
N GLU F 27 16.97 15.06 -3.55
CA GLU F 27 17.38 16.07 -4.52
C GLU F 27 18.83 15.87 -4.91
N VAL F 28 19.65 15.46 -3.94
CA VAL F 28 21.06 15.19 -4.17
C VAL F 28 21.27 13.79 -4.75
N GLU F 29 20.55 12.82 -4.23
CA GLU F 29 20.72 11.43 -4.63
C GLU F 29 20.12 11.19 -6.01
N ARG F 30 18.99 11.83 -6.27
CA ARG F 30 18.23 11.60 -7.50
C ARG F 30 18.04 10.11 -7.78
N PRO F 31 17.21 9.44 -6.99
CA PRO F 31 16.87 8.06 -7.33
C PRO F 31 16.22 8.03 -8.71
N ASP F 32 16.62 7.08 -9.54
CA ASP F 32 16.08 6.97 -10.90
C ASP F 32 14.88 6.03 -10.93
N ARG F 35 9.91 1.83 -9.56
CA ARG F 35 8.58 1.45 -10.02
C ARG F 35 8.11 2.35 -11.16
N VAL F 36 9.05 2.96 -11.88
CA VAL F 36 8.69 3.83 -12.98
C VAL F 36 8.09 2.99 -14.11
N THR F 37 7.01 3.48 -14.70
CA THR F 37 6.30 2.78 -15.76
C THR F 37 7.00 2.98 -17.09
N PRO F 38 6.56 2.25 -18.14
CA PRO F 38 7.20 2.44 -19.46
C PRO F 38 7.11 3.87 -19.97
N ASP F 39 6.08 4.60 -19.55
CA ASP F 39 5.87 5.97 -20.00
C ASP F 39 6.65 6.97 -19.15
N GLY F 40 7.43 6.48 -18.19
CA GLY F 40 8.27 7.33 -17.36
C GLY F 40 7.55 7.90 -16.17
N ARG F 41 6.33 7.44 -15.93
CA ARG F 41 5.52 7.92 -14.81
C ARG F 41 5.79 7.15 -13.51
N VAL F 42 5.65 7.81 -12.38
CA VAL F 42 5.76 7.14 -11.10
C VAL F 42 4.96 7.86 -10.03
N VAL F 43 4.36 7.07 -9.14
CA VAL F 43 3.62 7.59 -8.01
C VAL F 43 4.54 7.59 -6.79
N ILE F 44 4.64 8.75 -6.14
CA ILE F 44 5.49 8.93 -4.97
C ILE F 44 4.64 9.26 -3.75
N LEU F 45 4.85 8.50 -2.69
CA LEU F 45 4.16 8.71 -1.42
C LEU F 45 5.19 9.09 -0.36
N PHE F 46 4.91 10.15 0.40
CA PHE F 46 5.68 10.51 1.59
C PHE F 46 4.80 10.38 2.82
N THR F 47 5.39 9.89 3.90
CA THR F 47 4.68 9.84 5.18
C THR F 47 5.66 10.00 6.31
N ASP F 48 5.22 10.67 7.36
CA ASP F 48 5.97 10.71 8.61
C ASP F 48 5.01 10.84 9.78
N ILE F 49 5.54 10.79 10.99
CA ILE F 49 4.71 10.89 12.17
C ILE F 49 4.52 12.37 12.52
N GLU F 50 3.27 12.76 12.74
CA GLU F 50 2.97 14.13 13.12
C GLU F 50 3.67 14.46 14.43
N GLU F 51 4.36 15.60 14.47
CA GLU F 51 5.06 16.08 15.66
C GLU F 51 6.07 15.06 16.20
N SER F 52 6.81 14.45 15.27
CA SER F 52 7.76 13.41 15.61
C SER F 52 8.87 13.92 16.52
N THR F 53 9.31 15.15 16.31
CA THR F 53 10.41 15.71 17.08
C THR F 53 10.02 15.84 18.55
N ALA F 54 8.79 16.32 18.80
CA ALA F 54 8.28 16.48 20.15
C ALA F 54 8.06 15.12 20.81
N LEU F 55 7.52 14.18 20.04
CA LEU F 55 7.33 12.82 20.53
C LEU F 55 8.69 12.21 20.90
N ASN F 56 9.64 12.29 19.97
CA ASN F 56 11.00 11.80 20.21
C ASN F 56 11.60 12.40 21.48
N GLU F 57 11.50 13.72 21.62
CA GLU F 57 12.07 14.41 22.79
C GLU F 57 11.49 13.87 24.09
N ARG F 58 10.19 13.57 24.07
CA ARG F 58 9.49 13.16 25.28
C ARG F 58 9.86 11.75 25.72
N ILE F 59 9.76 10.79 24.82
CA ILE F 59 9.90 9.38 25.20
C ILE F 59 11.36 8.93 25.26
N GLY F 60 12.26 9.73 24.72
CA GLY F 60 13.68 9.45 24.82
C GLY F 60 14.13 8.51 23.71
N ASP F 61 15.44 8.43 23.49
CA ASP F 61 15.96 7.71 22.34
C ASP F 61 15.71 6.21 22.40
N ARG F 62 15.81 5.62 23.59
CA ARG F 62 15.59 4.18 23.73
C ARG F 62 14.18 3.77 23.32
N ALA F 63 13.18 4.51 23.80
CA ALA F 63 11.80 4.22 23.45
C ALA F 63 11.53 4.54 21.97
N TRP F 64 12.22 5.56 21.46
CA TRP F 64 12.02 6.01 20.08
C TRP F 64 12.45 4.94 19.08
N VAL F 65 13.61 4.32 19.30
CA VAL F 65 14.10 3.33 18.35
C VAL F 65 13.17 2.12 18.29
N LYS F 66 12.61 1.73 19.43
CA LYS F 66 11.68 0.60 19.42
C LYS F 66 10.37 1.01 18.73
N LEU F 67 9.94 2.25 18.94
CA LEU F 67 8.72 2.76 18.31
C LEU F 67 8.86 2.80 16.80
N ILE F 68 9.95 3.40 16.32
CA ILE F 68 10.26 3.51 14.90
C ILE F 68 10.42 2.14 14.23
N SER F 69 10.98 1.17 14.94
CA SER F 69 11.22 -0.15 14.36
C SER F 69 9.93 -0.91 14.10
N SER F 70 8.97 -0.80 15.01
CA SER F 70 7.68 -1.45 14.82
C SER F 70 6.86 -0.68 13.77
N HIS F 71 6.98 0.64 13.77
CA HIS F 71 6.31 1.46 12.78
C HIS F 71 6.85 1.14 11.39
N ASP F 72 8.18 1.01 11.31
CA ASP F 72 8.86 0.64 10.07
C ASP F 72 8.30 -0.67 9.51
N LYS F 73 8.14 -1.65 10.40
CA LYS F 73 7.61 -2.95 10.00
C LYS F 73 6.16 -2.83 9.50
N LEU F 74 5.37 -2.01 10.17
CA LEU F 74 3.98 -1.79 9.79
C LEU F 74 3.87 -1.14 8.41
N VAL F 75 4.54 0.00 8.25
CA VAL F 75 4.55 0.72 6.98
C VAL F 75 5.06 -0.17 5.85
N SER F 76 6.18 -0.85 6.08
CA SER F 76 6.81 -1.64 5.04
C SER F 76 5.94 -2.81 4.59
N ASP F 77 5.29 -3.48 5.54
CA ASP F 77 4.38 -4.56 5.21
C ASP F 77 3.22 -4.06 4.36
N LEU F 78 2.68 -2.90 4.72
CA LEU F 78 1.54 -2.36 3.99
C LEU F 78 1.95 -1.87 2.61
N VAL F 79 3.15 -1.29 2.52
CA VAL F 79 3.70 -0.88 1.23
C VAL F 79 3.82 -2.09 0.31
N ARG F 80 4.42 -3.17 0.82
CA ARG F 80 4.59 -4.38 0.02
C ARG F 80 3.25 -4.96 -0.41
N ARG F 81 2.25 -4.87 0.47
CA ARG F 81 0.92 -5.39 0.16
C ARG F 81 0.30 -4.70 -1.05
N GLN F 82 0.74 -3.48 -1.35
CA GLN F 82 0.22 -2.72 -2.49
C GLN F 82 1.28 -2.58 -3.59
N SER F 83 2.22 -3.51 -3.64
CA SER F 83 3.24 -3.57 -4.69
C SER F 83 4.06 -2.29 -4.75
N GLY F 84 4.25 -1.66 -3.60
CA GLY F 84 5.07 -0.47 -3.50
C GLY F 84 6.51 -0.82 -3.18
N HIS F 85 7.36 0.20 -3.26
CA HIS F 85 8.77 0.05 -2.96
C HIS F 85 9.23 1.21 -2.09
N VAL F 86 9.75 0.90 -0.90
CA VAL F 86 10.32 1.93 -0.05
C VAL F 86 11.63 2.40 -0.67
N VAL F 87 11.63 3.61 -1.21
CA VAL F 87 12.84 4.16 -1.82
C VAL F 87 13.85 4.45 -0.73
N LYS F 88 13.37 5.05 0.35
CA LYS F 88 14.24 5.39 1.45
C LYS F 88 13.38 5.70 2.67
N SER F 89 13.90 5.34 3.84
CA SER F 89 13.28 5.70 5.10
C SER F 89 14.26 6.51 5.93
N GLN F 90 13.72 7.37 6.78
CA GLN F 90 14.50 8.16 7.71
C GLN F 90 13.73 8.22 9.02
N GLY F 91 14.02 7.29 9.91
CA GLY F 91 13.29 7.18 11.16
C GLY F 91 11.80 6.93 10.91
N ASP F 92 10.99 7.92 11.26
CA ASP F 92 9.54 7.85 11.09
C ASP F 92 9.10 8.18 9.65
N GLY F 93 10.00 8.76 8.87
CA GLY F 93 9.70 9.18 7.51
C GLY F 93 9.97 8.10 6.49
N PHE F 94 9.09 8.01 5.48
CA PHE F 94 9.28 7.09 4.35
C PHE F 94 8.97 7.77 3.03
N MET F 95 9.81 7.46 2.05
CA MET F 95 9.57 7.83 0.66
C MET F 95 9.31 6.52 -0.09
N VAL F 96 8.16 6.45 -0.75
CA VAL F 96 7.68 5.21 -1.33
C VAL F 96 7.24 5.44 -2.77
N ALA F 97 7.53 4.47 -3.64
CA ALA F 97 7.13 4.55 -5.05
C ALA F 97 6.14 3.44 -5.40
N PHE F 98 5.15 3.81 -6.21
CA PHE F 98 4.18 2.87 -6.76
C PHE F 98 4.06 3.08 -8.25
N ALA F 99 3.63 2.04 -8.94
CA ALA F 99 3.38 2.11 -10.38
C ALA F 99 2.01 2.72 -10.66
N ARG F 100 1.08 2.57 -9.72
CA ARG F 100 -0.31 2.95 -9.94
C ARG F 100 -0.84 3.79 -8.77
N PRO F 101 -1.60 4.85 -9.07
CA PRO F 101 -2.04 5.72 -7.97
C PRO F 101 -2.98 5.02 -6.97
N GLU F 102 -3.79 4.06 -7.43
CA GLU F 102 -4.74 3.41 -6.52
C GLU F 102 -4.02 2.59 -5.46
N GLN F 103 -2.83 2.09 -5.81
CA GLN F 103 -1.99 1.36 -4.87
C GLN F 103 -1.54 2.26 -3.73
N ALA F 104 -1.04 3.43 -4.08
CA ALA F 104 -0.56 4.38 -3.08
C ALA F 104 -1.68 4.79 -2.14
N VAL F 105 -2.84 5.13 -2.70
CA VAL F 105 -3.95 5.62 -1.88
C VAL F 105 -4.48 4.52 -0.95
N ARG F 106 -4.58 3.30 -1.47
CA ARG F 106 -5.03 2.19 -0.64
C ARG F 106 -4.01 1.92 0.46
N CYS F 107 -2.73 2.03 0.15
CA CYS F 107 -1.68 1.86 1.14
C CYS F 107 -1.86 2.86 2.28
N GLY F 108 -2.07 4.12 1.93
CA GLY F 108 -2.30 5.18 2.91
C GLY F 108 -3.51 4.92 3.76
N ILE F 109 -4.62 4.52 3.13
CA ILE F 109 -5.86 4.24 3.85
C ILE F 109 -5.64 3.10 4.85
N GLU F 110 -5.00 2.03 4.41
CA GLU F 110 -4.72 0.90 5.30
C GLU F 110 -3.83 1.32 6.47
N LEU F 111 -2.85 2.19 6.20
CA LEU F 111 -1.94 2.64 7.25
C LEU F 111 -2.68 3.44 8.31
N GLN F 112 -3.54 4.36 7.86
CA GLN F 112 -4.29 5.20 8.79
C GLN F 112 -5.21 4.33 9.64
N ARG F 113 -5.81 3.32 9.04
CA ARG F 113 -6.70 2.40 9.76
C ARG F 113 -5.93 1.61 10.81
N ALA F 114 -4.79 1.07 10.43
CA ALA F 114 -3.99 0.23 11.32
C ALA F 114 -3.53 1.00 12.56
N LEU F 115 -3.18 2.26 12.36
CA LEU F 115 -2.72 3.10 13.46
C LEU F 115 -3.86 3.43 14.41
N ARG F 116 -5.03 3.73 13.86
CA ARG F 116 -6.21 3.94 14.68
C ARG F 116 -6.57 2.67 15.43
N ARG F 117 -6.30 1.53 14.81
CA ARG F 117 -6.57 0.23 15.42
C ARG F 117 -5.60 -0.04 16.57
N ASN F 118 -4.33 0.30 16.36
CA ASN F 118 -3.30 0.13 17.39
C ASN F 118 -3.57 1.02 18.61
N ALA F 119 -4.17 2.18 18.37
CA ALA F 119 -4.50 3.10 19.43
C ALA F 119 -5.60 2.53 20.32
N HIS F 124 -0.19 1.63 24.33
CA HIS F 124 0.98 2.17 23.68
C HIS F 124 0.76 3.61 23.23
N GLU F 125 1.78 4.21 22.63
CA GLU F 125 1.70 5.59 22.16
C GLU F 125 0.66 5.73 21.05
N GLU F 126 -0.15 6.78 21.15
CA GLU F 126 -1.05 7.13 20.07
C GLU F 126 -0.25 7.78 18.96
N ILE F 127 -0.36 7.24 17.75
CA ILE F 127 0.46 7.67 16.62
C ILE F 127 -0.41 8.14 15.47
N ARG F 128 -0.17 9.37 15.00
CA ARG F 128 -0.79 9.86 13.77
C ARG F 128 0.28 10.18 12.74
N VAL F 129 -0.02 9.85 11.49
CA VAL F 129 0.91 10.11 10.39
C VAL F 129 0.31 11.06 9.37
N ARG F 130 1.19 11.88 8.78
CA ARG F 130 0.88 12.67 7.60
C ARG F 130 1.17 11.81 6.39
N ILE F 131 0.32 11.90 5.36
CA ILE F 131 0.58 11.21 4.11
C ILE F 131 0.27 12.13 2.94
N GLY F 132 1.20 12.17 1.98
CA GLY F 132 1.01 12.93 0.75
C GLY F 132 1.38 12.08 -0.44
N ILE F 133 0.63 12.21 -1.53
CA ILE F 133 0.82 11.38 -2.70
C ILE F 133 0.78 12.25 -3.98
N HIS F 134 1.73 12.01 -4.87
CA HIS F 134 1.81 12.73 -6.14
C HIS F 134 2.11 11.70 -7.23
N MET F 135 1.86 12.09 -8.47
CA MET F 135 2.14 11.26 -9.63
C MET F 135 2.62 12.16 -10.76
N GLY F 136 3.68 11.77 -11.43
CA GLY F 136 4.24 12.59 -12.49
C GLY F 136 5.43 11.93 -13.14
N ARG F 137 6.10 12.65 -14.02
CA ARG F 137 7.17 12.07 -14.80
C ARG F 137 8.48 12.09 -14.02
N SER F 138 9.23 10.99 -14.13
CA SER F 138 10.56 10.90 -13.53
C SER F 138 11.61 11.06 -14.62
N VAL F 139 12.50 12.04 -14.45
CA VAL F 139 13.58 12.26 -15.43
C VAL F 139 14.91 12.48 -14.71
N ARG F 140 15.99 12.05 -15.37
CA ARG F 140 17.33 12.15 -14.81
C ARG F 140 17.78 13.61 -14.67
N ARG F 141 18.78 13.83 -13.83
CA ARG F 141 19.29 15.17 -13.58
C ARG F 141 19.93 15.80 -14.81
N GLY F 142 20.19 14.98 -15.83
CA GLY F 142 20.83 15.46 -17.05
C GLY F 142 19.86 16.09 -18.04
N ASP F 143 18.56 15.96 -17.77
CA ASP F 143 17.52 16.50 -18.63
C ASP F 143 16.65 17.51 -17.90
N ASP F 144 16.73 17.51 -16.58
CA ASP F 144 16.01 18.48 -15.77
C ASP F 144 16.80 18.74 -14.48
N LEU F 145 17.14 20.01 -14.25
CA LEU F 145 17.96 20.40 -13.10
C LEU F 145 17.27 20.21 -11.75
N PHE F 146 15.95 20.14 -11.76
CA PHE F 146 15.16 20.02 -10.53
C PHE F 146 14.35 18.73 -10.51
N GLY F 147 14.48 17.98 -9.42
CA GLY F 147 13.68 16.79 -9.21
C GLY F 147 12.29 17.18 -8.76
N ARG F 148 11.49 17.69 -9.68
CA ARG F 148 10.22 18.31 -9.34
C ARG F 148 9.18 17.29 -8.87
N ASN F 149 9.26 16.08 -9.40
CA ASN F 149 8.25 15.06 -9.07
C ASN F 149 8.32 14.70 -7.59
N VAL F 150 9.53 14.43 -7.11
CA VAL F 150 9.72 14.07 -5.71
C VAL F 150 9.50 15.27 -4.79
N ALA F 151 10.01 16.43 -5.19
CA ALA F 151 9.87 17.64 -4.40
C ALA F 151 8.40 17.98 -4.19
N MET F 152 7.60 17.90 -5.25
CA MET F 152 6.16 18.13 -5.15
C MET F 152 5.50 17.17 -4.15
N ALA F 153 5.80 15.89 -4.27
CA ALA F 153 5.20 14.90 -3.38
C ALA F 153 5.53 15.22 -1.92
N ALA F 154 6.75 15.65 -1.65
CA ALA F 154 7.16 15.95 -0.29
C ALA F 154 6.39 17.15 0.26
N ARG F 155 6.10 18.13 -0.59
CA ARG F 155 5.37 19.30 -0.11
C ARG F 155 3.90 18.99 0.08
N VAL F 156 3.36 18.10 -0.75
CA VAL F 156 1.98 17.68 -0.58
C VAL F 156 1.83 16.98 0.77
N ALA F 157 2.76 16.08 1.08
CA ALA F 157 2.76 15.42 2.39
C ALA F 157 2.92 16.42 3.54
N ALA F 158 3.76 17.43 3.35
CA ALA F 158 3.98 18.41 4.42
C ALA F 158 2.74 19.27 4.66
N GLN F 159 1.81 19.27 3.71
CA GLN F 159 0.56 20.03 3.83
C GLN F 159 -0.50 19.24 4.58
N ALA F 160 -0.33 17.92 4.66
CA ALA F 160 -1.35 17.07 5.27
C ALA F 160 -1.34 17.16 6.79
N ALA F 161 -2.53 17.13 7.38
CA ALA F 161 -2.65 17.05 8.83
C ALA F 161 -2.32 15.64 9.28
N GLY F 162 -2.03 15.48 10.57
CA GLY F 162 -1.91 14.15 11.12
C GLY F 162 -3.24 13.44 10.93
N GLY F 163 -3.20 12.22 10.41
CA GLY F 163 -4.40 11.46 10.17
C GLY F 163 -5.05 11.79 8.84
N GLU F 164 -4.39 12.63 8.05
CA GLU F 164 -4.92 13.05 6.74
C GLU F 164 -4.09 12.45 5.61
N ILE F 165 -4.79 12.11 4.52
CA ILE F 165 -4.15 11.70 3.28
C ILE F 165 -4.46 12.74 2.22
N LEU F 166 -3.43 13.43 1.75
CA LEU F 166 -3.59 14.45 0.73
C LEU F 166 -3.00 13.95 -0.58
N VAL F 167 -3.68 14.19 -1.69
CA VAL F 167 -3.15 13.82 -2.99
C VAL F 167 -3.21 15.00 -3.95
N SER F 168 -2.28 15.03 -4.90
CA SER F 168 -2.23 16.09 -5.90
C SER F 168 -3.32 15.86 -6.94
N GLN F 169 -3.54 16.85 -7.80
CA GLN F 169 -4.63 16.76 -8.77
C GLN F 169 -4.41 15.62 -9.78
N PRO F 170 -3.16 15.40 -10.21
CA PRO F 170 -2.95 14.26 -11.12
C PRO F 170 -3.31 12.90 -10.51
N VAL F 171 -3.06 12.71 -9.22
CA VAL F 171 -3.48 11.47 -8.57
C VAL F 171 -4.99 11.41 -8.52
N ARG F 172 -5.61 12.50 -8.08
CA ARG F 172 -7.06 12.59 -8.01
C ARG F 172 -7.69 12.29 -9.38
N ASP F 173 -7.11 12.87 -10.44
CA ASP F 173 -7.64 12.72 -11.80
C ASP F 173 -7.59 11.27 -12.29
N ALA F 174 -6.68 10.48 -11.72
CA ALA F 174 -6.47 9.11 -12.20
C ALA F 174 -7.35 8.09 -11.49
N LEU F 175 -8.06 8.52 -10.46
CA LEU F 175 -8.82 7.58 -9.65
C LEU F 175 -10.32 7.76 -9.82
N SER F 176 -11.02 6.64 -9.86
CA SER F 176 -12.45 6.60 -10.11
C SER F 176 -13.21 6.17 -8.85
N ARG F 177 -14.52 6.37 -8.87
CA ARG F 177 -15.37 5.93 -7.77
C ARG F 177 -15.28 4.41 -7.63
N SER F 178 -15.02 3.73 -8.74
CA SER F 178 -14.91 2.28 -8.76
C SER F 178 -13.73 1.78 -7.91
N ASP F 179 -12.76 2.66 -7.68
CA ASP F 179 -11.59 2.31 -6.88
C ASP F 179 -11.90 2.43 -5.39
N ILE F 181 -12.92 4.79 -3.46
CA ILE F 181 -12.19 5.86 -2.79
C ILE F 181 -12.91 7.20 -2.97
N ARG F 182 -13.25 7.83 -1.86
CA ARG F 182 -13.92 9.13 -1.88
C ARG F 182 -12.95 10.26 -1.50
N PHE F 183 -13.14 11.42 -2.13
CA PHE F 183 -12.30 12.58 -1.89
C PHE F 183 -13.15 13.77 -1.48
N ASP F 184 -12.52 14.81 -0.91
CA ASP F 184 -13.23 16.07 -0.70
C ASP F 184 -13.17 16.86 -2.01
N ASP F 185 -13.56 18.13 -1.97
CA ASP F 185 -13.67 18.96 -3.17
C ASP F 185 -12.33 19.53 -3.62
N GLY F 186 -11.31 19.34 -2.80
CA GLY F 186 -10.00 19.89 -3.06
C GLY F 186 -9.83 21.27 -2.45
N ARG F 187 -8.58 21.70 -2.33
CA ARG F 187 -8.26 23.02 -1.82
C ARG F 187 -7.06 23.53 -2.61
N GLU F 188 -7.05 24.83 -2.91
CA GLU F 188 -5.90 25.47 -3.56
C GLU F 188 -4.87 25.89 -2.52
N VAL F 189 -3.62 25.45 -2.72
CA VAL F 189 -2.54 25.74 -1.78
C VAL F 189 -1.28 26.20 -2.50
N GLU F 190 -0.56 27.11 -1.85
CA GLU F 190 0.79 27.47 -2.25
C GLU F 190 1.80 26.52 -1.61
N LEU F 191 2.76 26.04 -2.39
CA LEU F 191 3.76 25.11 -1.90
C LEU F 191 5.15 25.73 -1.98
N LYS F 192 5.93 25.53 -0.91
CA LYS F 192 7.32 25.98 -0.89
C LYS F 192 8.23 24.90 -1.49
N GLY F 193 9.08 25.21 -2.49
CA GLY F 193 9.18 26.49 -3.16
C GLY F 193 8.74 26.34 -4.60
N PHE F 194 7.43 26.47 -4.81
CA PHE F 194 6.80 26.32 -6.11
C PHE F 194 6.07 27.62 -6.46
N SER F 195 5.92 27.89 -7.74
CA SER F 195 5.19 29.08 -8.17
C SER F 195 3.70 28.77 -8.33
N GLY F 196 2.86 29.74 -8.01
CA GLY F 196 1.43 29.60 -8.15
C GLY F 196 0.80 28.77 -7.05
N THR F 197 -0.33 28.15 -7.36
CA THR F 197 -1.03 27.29 -6.43
C THR F 197 -1.31 25.94 -7.04
N TYR F 198 -1.64 24.99 -6.17
CA TYR F 198 -1.87 23.61 -6.57
C TYR F 198 -3.08 23.09 -5.84
N ARG F 199 -3.90 22.33 -6.55
CA ARG F 199 -5.12 21.80 -5.94
C ARG F 199 -4.87 20.42 -5.36
N LEU F 200 -5.05 20.33 -4.04
CA LEU F 200 -4.81 19.09 -3.30
C LEU F 200 -6.13 18.53 -2.77
N PHE F 201 -6.25 17.22 -2.80
CA PHE F 201 -7.50 16.53 -2.46
C PHE F 201 -7.27 15.59 -1.30
N ALA F 202 -8.15 15.67 -0.29
CA ALA F 202 -8.05 14.80 0.87
C ALA F 202 -8.88 13.55 0.63
N VAL F 203 -8.33 12.39 0.98
CA VAL F 203 -9.08 11.15 0.97
C VAL F 203 -10.04 11.13 2.15
N LEU F 204 -11.30 10.83 1.86
CA LEU F 204 -12.28 10.59 2.90
C LEU F 204 -12.52 9.09 3.00
N ALA F 205 -11.75 8.44 3.87
CA ALA F 205 -11.84 7.00 4.05
C ALA F 205 -13.21 6.58 4.52
N SER F 206 -13.60 5.35 4.18
CA SER F 206 -14.89 4.82 4.57
C SER F 206 -14.86 4.28 6.00
CL CL G . -37.46 17.49 -27.81
CL CL H . 4.44 23.45 1.63
#